data_9N35
# 
_entry.id   9N35 
# 
_audit_conform.dict_name       mmcif_pdbx.dic 
_audit_conform.dict_version    5.403 
_audit_conform.dict_location   http://mmcif.pdb.org/dictionaries/ascii/mmcif_pdbx.dic 
# 
loop_
_database_2.database_id 
_database_2.database_code 
_database_2.pdbx_database_accession 
_database_2.pdbx_DOI 
PDB   9N35         pdb_00009n35 10.2210/pdb9n35/pdb 
WWPDB D_1000292395 ?            ?                   
# 
loop_
_pdbx_audit_revision_history.ordinal 
_pdbx_audit_revision_history.data_content_type 
_pdbx_audit_revision_history.major_revision 
_pdbx_audit_revision_history.minor_revision 
_pdbx_audit_revision_history.revision_date 
_pdbx_audit_revision_history.part_number 
1 'Structure model' 1 0 2025-03-26 ? 
2 'Structure model' 1 1 2025-04-09 ? 
# 
_pdbx_audit_revision_details.ordinal             1 
_pdbx_audit_revision_details.revision_ordinal    1 
_pdbx_audit_revision_details.data_content_type   'Structure model' 
_pdbx_audit_revision_details.provider            repository 
_pdbx_audit_revision_details.type                'Initial release' 
_pdbx_audit_revision_details.description         ? 
_pdbx_audit_revision_details.details             ? 
# 
_pdbx_audit_revision_group.ordinal             1 
_pdbx_audit_revision_group.revision_ordinal    2 
_pdbx_audit_revision_group.data_content_type   'Structure model' 
_pdbx_audit_revision_group.group               'Database references' 
# 
_pdbx_audit_revision_category.ordinal             1 
_pdbx_audit_revision_category.revision_ordinal    2 
_pdbx_audit_revision_category.data_content_type   'Structure model' 
_pdbx_audit_revision_category.category            citation 
# 
loop_
_pdbx_audit_revision_item.ordinal 
_pdbx_audit_revision_item.revision_ordinal 
_pdbx_audit_revision_item.data_content_type 
_pdbx_audit_revision_item.item 
1 2 'Structure model' '_citation.journal_volume' 
2 2 'Structure model' '_citation.page_first'     
3 2 'Structure model' '_citation.page_last'      
# 
_pdbx_database_status.status_code                     REL 
_pdbx_database_status.status_code_sf                  REL 
_pdbx_database_status.status_code_mr                  ? 
_pdbx_database_status.entry_id                        9N35 
_pdbx_database_status.recvd_initial_deposition_date   2025-01-29 
_pdbx_database_status.SG_entry                        N 
_pdbx_database_status.deposit_site                    RCSB 
_pdbx_database_status.process_site                    RCSB 
_pdbx_database_status.status_code_cs                  ? 
_pdbx_database_status.status_code_nmr_data            ? 
_pdbx_database_status.methods_development_category    ? 
_pdbx_database_status.pdb_format_compatible           Y 
# 
_pdbx_contact_author.id                 2 
_pdbx_contact_author.email              jraskato@ucsc.edu 
_pdbx_contact_author.name_first         Jevgenij 
_pdbx_contact_author.name_last          Raskatov 
_pdbx_contact_author.name_mi            A 
_pdbx_contact_author.role               'principal investigator/group leader' 
_pdbx_contact_author.identifier_ORCID   0000-0002-0082-9113 
# 
loop_
_audit_author.name 
_audit_author.pdbx_ordinal 
_audit_author.identifier_ORCID 
'Sawaya, M.R.'   1 0000-0003-0874-9043 
'Raskatov, J.A.' 2 0000-0002-0082-9113 
'Hazari, A.'     3 0009-0005-2071-1322 
# 
_citation.abstract                  ? 
_citation.abstract_id_CAS           ? 
_citation.book_id_ISBN              ? 
_citation.book_publisher            ? 
_citation.book_publisher_city       ? 
_citation.book_title                ? 
_citation.coordinate_linkage        ? 
_citation.country                   UK 
_citation.database_id_Medline       ? 
_citation.details                   ? 
_citation.id                        primary 
_citation.journal_abbrev            'Chem Sci' 
_citation.journal_id_ASTM           ? 
_citation.journal_id_CSD            ? 
_citation.journal_id_ISSN           2041-6520 
_citation.journal_full              ? 
_citation.journal_issue             ? 
_citation.journal_volume            16 
_citation.language                  ? 
_citation.page_first                5907 
_citation.page_last                 5917 
_citation.title                     
;Formation of rippled beta-sheets from mixed chirality linear and cyclic peptides-new structural motifs based on the pauling-corey rippled beta-sheet.
;
_citation.year                      2025 
_citation.database_id_CSD           ? 
_citation.pdbx_database_id_DOI      10.1039/d4sc08079c 
_citation.pdbx_database_id_PubMed   40060095 
_citation.pdbx_database_id_patent   ? 
_citation.unpublished_flag          ? 
# 
loop_
_citation_author.citation_id 
_citation_author.name 
_citation_author.ordinal 
_citation_author.identifier_ORCID 
primary 'Hazari, A.'        1 ?                   
primary 'Sawaya, M.R.'      2 ?                   
primary 'Lee, H.'           3 ?                   
primary 'Sajimon, M.'       4 ?                   
primary 'Kim, H.'           5 ?                   
primary 'Goddard Iii, W.A.' 6 0000-0003-0097-5716 
primary 'Eisenberg, D.'     7 ?                   
primary 'Raskatov, J.A.'    8 0000-0002-0082-9113 
# 
loop_
_entity.id 
_entity.type 
_entity.src_method 
_entity.pdbx_description 
_entity.formula_weight 
_entity.pdbx_number_of_molecules 
_entity.pdbx_ec 
_entity.pdbx_mutation 
_entity.pdbx_fragment 
_entity.details 
1 polymer     syn FVGGVV                            576.685 1 ? ? ? ? 
2 polymer     syn MVGGVV                            560.707 1 ? ? ? ? 
3 non-polymer syn 1,1,1,3,3,3-hexafluoropropan-2-ol 168.038 4 ? ? ? ? 
4 water       nat water                             18.015  3 ? ? ? ? 
# 
loop_
_entity_poly.entity_id 
_entity_poly.type 
_entity_poly.nstd_linkage 
_entity_poly.nstd_monomer 
_entity_poly.pdbx_seq_one_letter_code 
_entity_poly.pdbx_seq_one_letter_code_can 
_entity_poly.pdbx_strand_id 
_entity_poly.pdbx_target_identifier 
1 'polypeptide(L)' no no  FVGGVV                   FVGGVV A ? 
2 'polypeptide(D)' no yes '(MED)(DVA)GG(DVA)(DVA)' MVGGVV B ? 
# 
loop_
_pdbx_entity_nonpoly.entity_id 
_pdbx_entity_nonpoly.name 
_pdbx_entity_nonpoly.comp_id 
3 1,1,1,3,3,3-hexafluoropropan-2-ol CFH 
4 water                             HOH 
# 
loop_
_entity_poly_seq.entity_id 
_entity_poly_seq.num 
_entity_poly_seq.mon_id 
_entity_poly_seq.hetero 
1 1 PHE n 
1 2 VAL n 
1 3 GLY n 
1 4 GLY n 
1 5 VAL n 
1 6 VAL n 
2 1 MED n 
2 2 DVA n 
2 3 GLY n 
2 4 GLY n 
2 5 DVA n 
2 6 DVA n 
# 
loop_
_pdbx_entity_src_syn.entity_id 
_pdbx_entity_src_syn.pdbx_src_id 
_pdbx_entity_src_syn.pdbx_alt_source_flag 
_pdbx_entity_src_syn.pdbx_beg_seq_num 
_pdbx_entity_src_syn.pdbx_end_seq_num 
_pdbx_entity_src_syn.organism_scientific 
_pdbx_entity_src_syn.organism_common_name 
_pdbx_entity_src_syn.ncbi_taxonomy_id 
_pdbx_entity_src_syn.details 
1 1 sample 1 6 'synthetic construct' ? 32630 ? 
2 1 sample 1 6 'synthetic construct' ? 32630 ? 
# 
loop_
_chem_comp.id 
_chem_comp.type 
_chem_comp.mon_nstd_flag 
_chem_comp.name 
_chem_comp.pdbx_synonyms 
_chem_comp.formula 
_chem_comp.formula_weight 
CFH non-polymer         . 1,1,1,3,3,3-hexafluoropropan-2-ol ? 'C3 H2 F6 O'    168.038 
DVA 'D-peptide linking' . D-VALINE                          ? 'C5 H11 N O2'   117.146 
GLY 'peptide linking'   y GLYCINE                           ? 'C2 H5 N O2'    75.067  
HOH non-polymer         . WATER                             ? 'H2 O'          18.015  
MED 'D-peptide linking' . D-METHIONINE                      ? 'C5 H11 N O2 S' 149.211 
PHE 'L-peptide linking' y PHENYLALANINE                     ? 'C9 H11 N O2'   165.189 
VAL 'L-peptide linking' y VALINE                            ? 'C5 H11 N O2'   117.146 
# 
loop_
_pdbx_poly_seq_scheme.asym_id 
_pdbx_poly_seq_scheme.entity_id 
_pdbx_poly_seq_scheme.seq_id 
_pdbx_poly_seq_scheme.mon_id 
_pdbx_poly_seq_scheme.ndb_seq_num 
_pdbx_poly_seq_scheme.pdb_seq_num 
_pdbx_poly_seq_scheme.auth_seq_num 
_pdbx_poly_seq_scheme.pdb_mon_id 
_pdbx_poly_seq_scheme.auth_mon_id 
_pdbx_poly_seq_scheme.pdb_strand_id 
_pdbx_poly_seq_scheme.pdb_ins_code 
_pdbx_poly_seq_scheme.hetero 
A 1 1 PHE 1 35 35 PHE PHE A . n 
A 1 2 VAL 2 36 36 VAL VAL A . n 
A 1 3 GLY 3 37 37 GLY GLY A . n 
A 1 4 GLY 4 38 38 GLY GLY A . n 
A 1 5 VAL 5 39 39 VAL VAL A . n 
A 1 6 VAL 6 40 40 VAL VAL A . n 
B 2 1 MED 1 35 35 MED MED B . n 
B 2 2 DVA 2 36 36 DVA DVA B . n 
B 2 3 GLY 3 37 37 GLY GLY B . n 
B 2 4 GLY 4 38 38 GLY GLY B . n 
B 2 5 DVA 5 39 39 DVA DVA B . n 
B 2 6 DVA 6 40 40 DVA DVA B . n 
# 
loop_
_pdbx_entity_instance_feature.ordinal 
_pdbx_entity_instance_feature.comp_id 
_pdbx_entity_instance_feature.asym_id 
_pdbx_entity_instance_feature.seq_num 
_pdbx_entity_instance_feature.auth_comp_id 
_pdbx_entity_instance_feature.auth_asym_id 
_pdbx_entity_instance_feature.auth_seq_num 
_pdbx_entity_instance_feature.feature_type 
_pdbx_entity_instance_feature.details 
1 CFH ? ? CFH ? ? 'SUBJECT OF INVESTIGATION' ? 
2 DVA ? ? DVA ? ? 'SUBJECT OF INVESTIGATION' ? 
# 
loop_
_pdbx_nonpoly_scheme.asym_id 
_pdbx_nonpoly_scheme.entity_id 
_pdbx_nonpoly_scheme.mon_id 
_pdbx_nonpoly_scheme.ndb_seq_num 
_pdbx_nonpoly_scheme.pdb_seq_num 
_pdbx_nonpoly_scheme.auth_seq_num 
_pdbx_nonpoly_scheme.pdb_mon_id 
_pdbx_nonpoly_scheme.auth_mon_id 
_pdbx_nonpoly_scheme.pdb_strand_id 
_pdbx_nonpoly_scheme.pdb_ins_code 
C 3 CFH 1 101 43 CFH CFH A . 
D 3 CFH 1 102 44 CFH CFH A . 
E 3 CFH 1 101 44 CFH CFH B . 
F 3 CFH 1 102 43 CFH CFH B . 
G 4 HOH 1 201 51 HOH HOH A . 
G 4 HOH 2 202 53 HOH HOH A . 
H 4 HOH 1 201 52 HOH HOH B . 
# 
loop_
_software.citation_id 
_software.classification 
_software.compiler_name 
_software.compiler_version 
_software.contact_author 
_software.contact_author_email 
_software.date 
_software.description 
_software.dependencies 
_software.hardware 
_software.language 
_software.location 
_software.mods 
_software.name 
_software.os 
_software.os_version 
_software.type 
_software.version 
_software.pdbx_ordinal 
? refinement       ? ? ? ? ? ? ? ? ? ? ? REFMAC ? ? ? 5.8.0267                               1 
? 'data scaling'   ? ? ? ? ? ? ? ? ? ? ? XSCALE ? ? ? 'VERSION Jun 30, 2024  BUILT=20240723' 2 
? 'data reduction' ? ? ? ? ? ? ? ? ? ? ? XDS    ? ? ? 'VERSION Jun 30, 2024  BUILT=20240723' 3 
? phasing          ? ? ? ? ? ? ? ? ? ? ? SHELXT ? ? ? 'VERSION 2018/2'                       4 
# 
_cell.angle_alpha                  97.22 
_cell.angle_alpha_esd              ? 
_cell.angle_beta                   90.77 
_cell.angle_beta_esd               ? 
_cell.angle_gamma                  94.60 
_cell.angle_gamma_esd              ? 
_cell.entry_id                     9N35 
_cell.details                      ? 
_cell.formula_units_Z              ? 
_cell.length_a                     20.920 
_cell.length_a_esd                 ? 
_cell.length_b                     11.500 
_cell.length_b_esd                 ? 
_cell.length_c                     9.390 
_cell.length_c_esd                 ? 
_cell.volume                       ? 
_cell.volume_esd                   ? 
_cell.Z_PDB                        1 
_cell.reciprocal_angle_alpha       ? 
_cell.reciprocal_angle_beta        ? 
_cell.reciprocal_angle_gamma       ? 
_cell.reciprocal_angle_alpha_esd   ? 
_cell.reciprocal_angle_beta_esd    ? 
_cell.reciprocal_angle_gamma_esd   ? 
_cell.reciprocal_length_a          ? 
_cell.reciprocal_length_b          ? 
_cell.reciprocal_length_c          ? 
_cell.reciprocal_length_a_esd      ? 
_cell.reciprocal_length_b_esd      ? 
_cell.reciprocal_length_c_esd      ? 
_cell.pdbx_unique_axis             ? 
_cell.pdbx_esd_method              ? 
# 
_symmetry.entry_id                         9N35 
_symmetry.cell_setting                     ? 
_symmetry.Int_Tables_number                1 
_symmetry.space_group_name_Hall            ? 
_symmetry.space_group_name_H-M             'P 1' 
_symmetry.pdbx_full_space_group_name_H-M   ? 
# 
_exptl.absorpt_coefficient_mu     ? 
_exptl.absorpt_correction_T_max   ? 
_exptl.absorpt_correction_T_min   ? 
_exptl.absorpt_correction_type    ? 
_exptl.absorpt_process_details    ? 
_exptl.entry_id                   9N35 
_exptl.crystals_number            1 
_exptl.details                    ? 
_exptl.method                     'X-RAY DIFFRACTION' 
_exptl.method_details             ? 
# 
_exptl_crystal.colour                       ? 
_exptl_crystal.density_diffrn               ? 
_exptl_crystal.density_Matthews             1.96 
_exptl_crystal.density_method               ? 
_exptl_crystal.density_percent_sol          37.36 
_exptl_crystal.description                  ? 
_exptl_crystal.F_000                        ? 
_exptl_crystal.id                           1 
_exptl_crystal.preparation                  ? 
_exptl_crystal.size_max                     ? 
_exptl_crystal.size_mid                     ? 
_exptl_crystal.size_min                     ? 
_exptl_crystal.size_rad                     ? 
_exptl_crystal.colour_lustre                ? 
_exptl_crystal.colour_modifier              ? 
_exptl_crystal.colour_primary               ? 
_exptl_crystal.density_meas                 ? 
_exptl_crystal.density_meas_esd             ? 
_exptl_crystal.density_meas_gt              ? 
_exptl_crystal.density_meas_lt              ? 
_exptl_crystal.density_meas_temp            ? 
_exptl_crystal.density_meas_temp_esd        ? 
_exptl_crystal.density_meas_temp_gt         ? 
_exptl_crystal.density_meas_temp_lt         ? 
_exptl_crystal.pdbx_crystal_image_url       ? 
_exptl_crystal.pdbx_crystal_image_format    ? 
_exptl_crystal.pdbx_mosaicity               ? 
_exptl_crystal.pdbx_mosaicity_esd           ? 
_exptl_crystal.pdbx_mosaic_method           ? 
_exptl_crystal.pdbx_mosaic_block_size       ? 
_exptl_crystal.pdbx_mosaic_block_size_esd   ? 
# 
_exptl_crystal_grow.apparatus       ? 
_exptl_crystal_grow.atmosphere      ? 
_exptl_crystal_grow.crystal_id      1 
_exptl_crystal_grow.details         ? 
_exptl_crystal_grow.method          'BATCH MODE' 
_exptl_crystal_grow.method_ref      ? 
_exptl_crystal_grow.pH              3 
_exptl_crystal_grow.pressure        ? 
_exptl_crystal_grow.pressure_esd    ? 
_exptl_crystal_grow.seeding         ? 
_exptl_crystal_grow.seeding_ref     ? 
_exptl_crystal_grow.temp_details    ? 
_exptl_crystal_grow.temp_esd        ? 
_exptl_crystal_grow.time            ? 
_exptl_crystal_grow.pdbx_details    'hexafluoroisopropanol, water' 
_exptl_crystal_grow.pdbx_pH_range   ? 
_exptl_crystal_grow.temp            298 
# 
_diffrn.ambient_environment              ? 
_diffrn.ambient_temp                     100 
_diffrn.ambient_temp_details             ? 
_diffrn.ambient_temp_esd                 ? 
_diffrn.crystal_id                       1 
_diffrn.crystal_support                  ? 
_diffrn.crystal_treatment                ? 
_diffrn.details                          ? 
_diffrn.id                               1 
_diffrn.ambient_pressure                 ? 
_diffrn.ambient_pressure_esd             ? 
_diffrn.ambient_pressure_gt              ? 
_diffrn.ambient_pressure_lt              ? 
_diffrn.ambient_temp_gt                  ? 
_diffrn.ambient_temp_lt                  ? 
_diffrn.pdbx_serial_crystal_experiment   N 
# 
_diffrn_detector.details                      ? 
_diffrn_detector.detector                     PIXEL 
_diffrn_detector.diffrn_id                    1 
_diffrn_detector.type                         'DECTRIS EIGER X 16M' 
_diffrn_detector.area_resol_mean              ? 
_diffrn_detector.dtime                        ? 
_diffrn_detector.pdbx_frames_total            ? 
_diffrn_detector.pdbx_collection_time_total   ? 
_diffrn_detector.pdbx_collection_date         2024-06-11 
_diffrn_detector.pdbx_frequency               ? 
_diffrn_detector.id                           ? 
_diffrn_detector.number_of_axes               ? 
# 
_diffrn_radiation.collimation                      ? 
_diffrn_radiation.diffrn_id                        1 
_diffrn_radiation.filter_edge                      ? 
_diffrn_radiation.inhomogeneity                    ? 
_diffrn_radiation.monochromator                    ? 
_diffrn_radiation.polarisn_norm                    ? 
_diffrn_radiation.polarisn_ratio                   ? 
_diffrn_radiation.probe                            ? 
_diffrn_radiation.type                             ? 
_diffrn_radiation.xray_symbol                      ? 
_diffrn_radiation.wavelength_id                    1 
_diffrn_radiation.pdbx_monochromatic_or_laue_m_l   M 
_diffrn_radiation.pdbx_wavelength_list             ? 
_diffrn_radiation.pdbx_wavelength                  ? 
_diffrn_radiation.pdbx_diffrn_protocol             'SINGLE WAVELENGTH' 
_diffrn_radiation.pdbx_analyzer                    ? 
_diffrn_radiation.pdbx_scattering_type             x-ray 
# 
_diffrn_radiation_wavelength.id           1 
_diffrn_radiation_wavelength.wavelength   0.979330 
_diffrn_radiation_wavelength.wt           1.0 
# 
_diffrn_source.current                     ? 
_diffrn_source.details                     ? 
_diffrn_source.diffrn_id                   1 
_diffrn_source.power                       ? 
_diffrn_source.size                        ? 
_diffrn_source.source                      SYNCHROTRON 
_diffrn_source.target                      ? 
_diffrn_source.type                        'NSLS-II BEAMLINE 17-ID-2' 
_diffrn_source.voltage                     ? 
_diffrn_source.take-off_angle              ? 
_diffrn_source.pdbx_wavelength_list        0.979330 
_diffrn_source.pdbx_wavelength             ? 
_diffrn_source.pdbx_synchrotron_beamline   17-ID-2 
_diffrn_source.pdbx_synchrotron_site       NSLS-II 
# 
_reflns.B_iso_Wilson_estimate                          ? 
_reflns.entry_id                                       9N35 
_reflns.data_reduction_details                         ? 
_reflns.data_reduction_method                          ? 
_reflns.d_resolution_high                              1.1 
_reflns.d_resolution_low                               11.37 
_reflns.details                                        ? 
_reflns.limit_h_max                                    ? 
_reflns.limit_h_min                                    ? 
_reflns.limit_k_max                                    ? 
_reflns.limit_k_min                                    ? 
_reflns.limit_l_max                                    ? 
_reflns.limit_l_min                                    ? 
_reflns.number_all                                     ? 
_reflns.number_obs                                     3263 
_reflns.observed_criterion                             ? 
_reflns.observed_criterion_F_max                       ? 
_reflns.observed_criterion_F_min                       ? 
_reflns.observed_criterion_I_max                       ? 
_reflns.observed_criterion_I_min                       ? 
_reflns.observed_criterion_sigma_F                     ? 
_reflns.observed_criterion_sigma_I                     ? 
_reflns.percent_possible_obs                           92.7 
_reflns.R_free_details                                 ? 
_reflns.Rmerge_F_all                                   ? 
_reflns.Rmerge_F_obs                                   ? 
_reflns.Friedel_coverage                               ? 
_reflns.number_gt                                      ? 
_reflns.threshold_expression                           ? 
_reflns.pdbx_redundancy                                4.2 
_reflns.pdbx_netI_over_av_sigmaI                       ? 
_reflns.pdbx_netI_over_sigmaI                          6.46 
_reflns.pdbx_res_netI_over_av_sigmaI_2                 ? 
_reflns.pdbx_res_netI_over_sigmaI_2                    ? 
_reflns.pdbx_chi_squared                               ? 
_reflns.pdbx_scaling_rejects                           ? 
_reflns.pdbx_d_res_high_opt                            ? 
_reflns.pdbx_d_res_low_opt                             ? 
_reflns.pdbx_d_res_opt_method                          ? 
_reflns.phase_calculation_details                      ? 
_reflns.pdbx_Rrim_I_all                                0.15 
_reflns.pdbx_Rpim_I_all                                ? 
_reflns.pdbx_d_opt                                     ? 
_reflns.pdbx_number_measured_all                       ? 
_reflns.pdbx_diffrn_id                                 1 
_reflns.pdbx_ordinal                                   1 
_reflns.pdbx_CC_half                                   0.986 
_reflns.pdbx_CC_star                                   ? 
_reflns.pdbx_R_split                                   ? 
_reflns.pdbx_Rmerge_I_obs                              0.13 
_reflns.pdbx_Rmerge_I_all                              ? 
_reflns.pdbx_Rsym_value                                ? 
_reflns.pdbx_CC_split_method                           ? 
_reflns.pdbx_aniso_diffraction_limit_axis_1_ortho[1]   ? 
_reflns.pdbx_aniso_diffraction_limit_axis_1_ortho[2]   ? 
_reflns.pdbx_aniso_diffraction_limit_axis_1_ortho[3]   ? 
_reflns.pdbx_aniso_diffraction_limit_axis_2_ortho[1]   ? 
_reflns.pdbx_aniso_diffraction_limit_axis_2_ortho[2]   ? 
_reflns.pdbx_aniso_diffraction_limit_axis_2_ortho[3]   ? 
_reflns.pdbx_aniso_diffraction_limit_axis_3_ortho[1]   ? 
_reflns.pdbx_aniso_diffraction_limit_axis_3_ortho[2]   ? 
_reflns.pdbx_aniso_diffraction_limit_axis_3_ortho[3]   ? 
_reflns.pdbx_aniso_diffraction_limit_1                 ? 
_reflns.pdbx_aniso_diffraction_limit_2                 ? 
_reflns.pdbx_aniso_diffraction_limit_3                 ? 
_reflns.pdbx_aniso_B_tensor_eigenvector_1_ortho[1]     ? 
_reflns.pdbx_aniso_B_tensor_eigenvector_1_ortho[2]     ? 
_reflns.pdbx_aniso_B_tensor_eigenvector_1_ortho[3]     ? 
_reflns.pdbx_aniso_B_tensor_eigenvector_2_ortho[1]     ? 
_reflns.pdbx_aniso_B_tensor_eigenvector_2_ortho[2]     ? 
_reflns.pdbx_aniso_B_tensor_eigenvector_2_ortho[3]     ? 
_reflns.pdbx_aniso_B_tensor_eigenvector_3_ortho[1]     ? 
_reflns.pdbx_aniso_B_tensor_eigenvector_3_ortho[2]     ? 
_reflns.pdbx_aniso_B_tensor_eigenvector_3_ortho[3]     ? 
_reflns.pdbx_aniso_B_tensor_eigenvalue_1               ? 
_reflns.pdbx_aniso_B_tensor_eigenvalue_2               ? 
_reflns.pdbx_aniso_B_tensor_eigenvalue_3               ? 
_reflns.pdbx_orthogonalization_convention              ? 
_reflns.pdbx_percent_possible_ellipsoidal              ? 
_reflns.pdbx_percent_possible_spherical                ? 
_reflns.pdbx_percent_possible_ellipsoidal_anomalous    ? 
_reflns.pdbx_percent_possible_spherical_anomalous      ? 
_reflns.pdbx_redundancy_anomalous                      ? 
_reflns.pdbx_CC_half_anomalous                         ? 
_reflns.pdbx_absDiff_over_sigma_anomalous              ? 
_reflns.pdbx_percent_possible_anomalous                ? 
_reflns.pdbx_observed_signal_threshold                 ? 
_reflns.pdbx_signal_type                               ? 
_reflns.pdbx_signal_details                            ? 
_reflns.pdbx_signal_software_id                        ? 
# 
loop_
_reflns_shell.d_res_high 
_reflns_shell.d_res_low 
_reflns_shell.meanI_over_sigI_all 
_reflns_shell.meanI_over_sigI_obs 
_reflns_shell.number_measured_all 
_reflns_shell.number_measured_obs 
_reflns_shell.number_possible 
_reflns_shell.number_unique_all 
_reflns_shell.number_unique_obs 
_reflns_shell.percent_possible_obs 
_reflns_shell.Rmerge_F_all 
_reflns_shell.Rmerge_F_obs 
_reflns_shell.meanI_over_sigI_gt 
_reflns_shell.meanI_over_uI_all 
_reflns_shell.meanI_over_uI_gt 
_reflns_shell.number_measured_gt 
_reflns_shell.number_unique_gt 
_reflns_shell.percent_possible_gt 
_reflns_shell.Rmerge_F_gt 
_reflns_shell.Rmerge_I_gt 
_reflns_shell.pdbx_redundancy 
_reflns_shell.pdbx_chi_squared 
_reflns_shell.pdbx_netI_over_sigmaI_all 
_reflns_shell.pdbx_netI_over_sigmaI_obs 
_reflns_shell.pdbx_Rrim_I_all 
_reflns_shell.pdbx_Rpim_I_all 
_reflns_shell.pdbx_rejects 
_reflns_shell.pdbx_ordinal 
_reflns_shell.pdbx_diffrn_id 
_reflns_shell.pdbx_CC_half 
_reflns_shell.pdbx_CC_star 
_reflns_shell.pdbx_R_split 
_reflns_shell.percent_possible_all 
_reflns_shell.Rmerge_I_all 
_reflns_shell.Rmerge_I_obs 
_reflns_shell.pdbx_Rsym_value 
_reflns_shell.pdbx_percent_possible_ellipsoidal 
_reflns_shell.pdbx_percent_possible_spherical 
_reflns_shell.pdbx_percent_possible_ellipsoidal_anomalous 
_reflns_shell.pdbx_percent_possible_spherical_anomalous 
_reflns_shell.pdbx_redundancy_anomalous 
_reflns_shell.pdbx_CC_half_anomalous 
_reflns_shell.pdbx_absDiff_over_sigma_anomalous 
_reflns_shell.pdbx_percent_possible_anomalous 
1.10 1.13  ? ? ? ? ? ? 182 ? ? ? ? ? ? ? ? ? ? ? ? ? ? ? 0.729 ? ? 1  1 0.628 ? ? ? ? 0.618 ? ? ? ? ? ? ? ? ? 
1.13 1.16  ? ? ? ? ? ? 234 ? ? ? ? ? ? ? ? ? ? ? ? ? ? ? 0.519 ? ? 2  1 0.865 ? ? ? ? 0.445 ? ? ? ? ? ? ? ? ? 
1.16 1.19  ? ? ? ? ? ? 205 ? ? ? ? ? ? ? ? ? ? ? ? ? ? ? 0.408 ? ? 3  1 0.877 ? ? ? ? 0.356 ? ? ? ? ? ? ? ? ? 
1.19 1.23  ? ? ? ? ? ? 214 ? ? ? ? ? ? ? ? ? ? ? ? ? ? ? 0.402 ? ? 4  1 0.886 ? ? ? ? 0.354 ? ? ? ? ? ? ? ? ? 
1.23 1.27  ? ? ? ? ? ? 237 ? ? ? ? ? ? ? ? ? ? ? ? ? ? ? 0.456 ? ? 5  1 0.862 ? ? ? ? 0.402 ? ? ? ? ? ? ? ? ? 
1.27 1.32  ? ? ? ? ? ? 205 ? ? ? ? ? ? ? ? ? ? ? ? ? ? ? 0.419 ? ? 6  1 0.889 ? ? ? ? 0.368 ? ? ? ? ? ? ? ? ? 
1.32 1.37  ? ? ? ? ? ? 214 ? ? ? ? ? ? ? ? ? ? ? ? ? ? ? 0.34  ? ? 7  1 0.901 ? ? ? ? 0.298 ? ? ? ? ? ? ? ? ? 
1.37 1.42  ? ? ? ? ? ? 198 ? ? ? ? ? ? ? ? ? ? ? ? ? ? ? 0.365 ? ? 8  1 0.909 ? ? ? ? 0.318 ? ? ? ? ? ? ? ? ? 
1.42 1.48  ? ? ? ? ? ? 190 ? ? ? ? ? ? ? ? ? ? ? ? ? ? ? 0.265 ? ? 9  1 0.947 ? ? ? ? 0.234 ? ? ? ? ? ? ? ? ? 
1.48 1.56  ? ? ? ? ? ? 187 ? ? ? ? ? ? ? ? ? ? ? ? ? ? ? 0.238 ? ? 10 1 0.961 ? ? ? ? 0.21  ? ? ? ? ? ? ? ? ? 
1.56 1.64  ? ? ? ? ? ? 175 ? ? ? ? ? ? ? ? ? ? ? ? ? ? ? 0.217 ? ? 11 1 0.944 ? ? ? ? 0.188 ? ? ? ? ? ? ? ? ? 
1.64 1.74  ? ? ? ? ? ? 163 ? ? ? ? ? ? ? ? ? ? ? ? ? ? ? 0.207 ? ? 12 1 0.962 ? ? ? ? 0.177 ? ? ? ? ? ? ? ? ? 
1.74 1.86  ? ? ? ? ? ? 156 ? ? ? ? ? ? ? ? ? ? ? ? ? ? ? 0.174 ? ? 13 1 0.962 ? ? ? ? 0.15  ? ? ? ? ? ? ? ? ? 
1.86 2.01  ? ? ? ? ? ? 137 ? ? ? ? ? ? ? ? ? ? ? ? ? ? ? 0.167 ? ? 14 1 0.946 ? ? ? ? 0.144 ? ? ? ? ? ? ? ? ? 
2.01 2.2   ? ? ? ? ? ? 134 ? ? ? ? ? ? ? ? ? ? ? ? ? ? ? 0.136 ? ? 15 1 0.973 ? ? ? ? 0.118 ? ? ? ? ? ? ? ? ? 
2.20 2.46  ? ? ? ? ? ? 120 ? ? ? ? ? ? ? ? ? ? ? ? ? ? ? 0.115 ? ? 16 1 0.984 ? ? ? ? 0.1   ? ? ? ? ? ? ? ? ? 
2.46 2.84  ? ? ? ? ? ? 114 ? ? ? ? ? ? ? ? ? ? ? ? ? ? ? 0.137 ? ? 17 1 0.951 ? ? ? ? 0.116 ? ? ? ? ? ? ? ? ? 
2.84 3.48  ? ? ? ? ? ? 90  ? ? ? ? ? ? ? ? ? ? ? ? ? ? ? 0.106 ? ? 18 1 0.987 ? ? ? ? 0.093 ? ? ? ? ? ? ? ? ? 
3.48 4.92  ? ? ? ? ? ? 70  ? ? ? ? ? ? ? ? ? ? ? ? ? ? ? 0.089 ? ? 19 1 0.986 ? ? ? ? 0.08  ? ? ? ? ? ? ? ? ? 
4.92 11.37 ? ? ? ? ? ? 38  ? ? ? ? ? ? ? ? ? ? ? ? ? ? ? 0.105 ? ? 20 1 0.994 ? ? ? ? 0.091 ? ? ? ? ? ? ? ? ? 
# 
_refine.aniso_B[1][1]                            -0.10 
_refine.aniso_B[1][2]                            0.08 
_refine.aniso_B[1][3]                            -0.37 
_refine.aniso_B[2][2]                            0.97 
_refine.aniso_B[2][3]                            -0.02 
_refine.aniso_B[3][3]                            -0.85 
_refine.B_iso_max                                ? 
_refine.B_iso_mean                               7.964 
_refine.B_iso_min                                ? 
_refine.correlation_coeff_Fo_to_Fc               0.968 
_refine.correlation_coeff_Fo_to_Fc_free          0.956 
_refine.details                                  'HYDROGENS HAVE BEEN ADDED IN THE RIDING POSITIONS' 
_refine.diff_density_max                         ? 
_refine.diff_density_max_esd                     ? 
_refine.diff_density_min                         ? 
_refine.diff_density_min_esd                     ? 
_refine.diff_density_rms                         ? 
_refine.diff_density_rms_esd                     ? 
_refine.entry_id                                 9N35 
_refine.pdbx_refine_id                           'X-RAY DIFFRACTION' 
_refine.ls_abs_structure_details                 ? 
_refine.ls_abs_structure_Flack                   ? 
_refine.ls_abs_structure_Flack_esd               ? 
_refine.ls_abs_structure_Rogers                  ? 
_refine.ls_abs_structure_Rogers_esd              ? 
_refine.ls_d_res_high                            1.10 
_refine.ls_d_res_low                             11.37 
_refine.ls_extinction_coef                       ? 
_refine.ls_extinction_coef_esd                   ? 
_refine.ls_extinction_expression                 ? 
_refine.ls_extinction_method                     ? 
_refine.ls_goodness_of_fit_all                   ? 
_refine.ls_goodness_of_fit_all_esd               ? 
_refine.ls_goodness_of_fit_obs                   ? 
_refine.ls_goodness_of_fit_obs_esd               ? 
_refine.ls_hydrogen_treatment                    ? 
_refine.ls_matrix_type                           ? 
_refine.ls_number_constraints                    ? 
_refine.ls_number_parameters                     ? 
_refine.ls_number_reflns_all                     ? 
_refine.ls_number_reflns_obs                     2935 
_refine.ls_number_reflns_R_free                  327 
_refine.ls_number_reflns_R_work                  ? 
_refine.ls_number_restraints                     ? 
_refine.ls_percent_reflns_obs                    92.72 
_refine.ls_percent_reflns_R_free                 10.0 
_refine.ls_R_factor_all                          ? 
_refine.ls_R_factor_obs                          0.16587 
_refine.ls_R_factor_R_free                       0.18823 
_refine.ls_R_factor_R_free_error                 ? 
_refine.ls_R_factor_R_free_error_details         ? 
_refine.ls_R_factor_R_work                       0.16334 
_refine.ls_R_Fsqd_factor_obs                     ? 
_refine.ls_R_I_factor_obs                        ? 
_refine.ls_redundancy_reflns_all                 ? 
_refine.ls_redundancy_reflns_obs                 ? 
_refine.ls_restrained_S_all                      ? 
_refine.ls_restrained_S_obs                      ? 
_refine.ls_shift_over_esd_max                    ? 
_refine.ls_shift_over_esd_mean                   ? 
_refine.ls_structure_factor_coef                 ? 
_refine.ls_weighting_details                     ? 
_refine.ls_weighting_scheme                      ? 
_refine.ls_wR_factor_all                         ? 
_refine.ls_wR_factor_obs                         ? 
_refine.ls_wR_factor_R_free                      ? 
_refine.ls_wR_factor_R_work                      ? 
_refine.occupancy_max                            ? 
_refine.occupancy_min                            ? 
_refine.solvent_model_details                    MASK 
_refine.solvent_model_param_bsol                 ? 
_refine.solvent_model_param_ksol                 ? 
_refine.pdbx_R_complete                          ? 
_refine.ls_R_factor_gt                           ? 
_refine.ls_goodness_of_fit_gt                    ? 
_refine.ls_goodness_of_fit_ref                   ? 
_refine.ls_shift_over_su_max                     ? 
_refine.ls_shift_over_su_max_lt                  ? 
_refine.ls_shift_over_su_mean                    ? 
_refine.ls_shift_over_su_mean_lt                 ? 
_refine.pdbx_ls_sigma_I                          ? 
_refine.pdbx_ls_sigma_F                          ? 
_refine.pdbx_ls_sigma_Fsqd                       ? 
_refine.pdbx_data_cutoff_high_absF               ? 
_refine.pdbx_data_cutoff_high_rms_absF           ? 
_refine.pdbx_data_cutoff_low_absF                ? 
_refine.pdbx_isotropic_thermal_model             ? 
_refine.pdbx_ls_cross_valid_method               THROUGHOUT 
_refine.pdbx_method_to_determine_struct          'AB INITIO PHASING' 
_refine.pdbx_starting_model                      ? 
_refine.pdbx_stereochemistry_target_values       'MAXIMUM LIKELIHOOD' 
_refine.pdbx_R_Free_selection_details            RANDOM 
_refine.pdbx_stereochem_target_val_spec_case     ? 
_refine.pdbx_overall_ESU_R                       0.049 
_refine.pdbx_overall_ESU_R_Free                  0.045 
_refine.pdbx_solvent_vdw_probe_radii             1.20 
_refine.pdbx_solvent_ion_probe_radii             0.80 
_refine.pdbx_solvent_shrinkage_radii             0.80 
_refine.pdbx_real_space_R                        ? 
_refine.pdbx_density_correlation                 ? 
_refine.pdbx_pd_number_of_powder_patterns        ? 
_refine.pdbx_pd_number_of_points                 ? 
_refine.pdbx_pd_meas_number_of_points            ? 
_refine.pdbx_pd_proc_ls_prof_R_factor            ? 
_refine.pdbx_pd_proc_ls_prof_wR_factor           ? 
_refine.pdbx_pd_Marquardt_correlation_coeff      ? 
_refine.pdbx_pd_Fsqrd_R_factor                   ? 
_refine.pdbx_pd_ls_matrix_band_width             ? 
_refine.pdbx_overall_phase_error                 ? 
_refine.pdbx_overall_SU_R_free_Cruickshank_DPI   ? 
_refine.pdbx_overall_SU_R_free_Blow_DPI          ? 
_refine.pdbx_overall_SU_R_Blow_DPI               ? 
_refine.pdbx_TLS_residual_ADP_flag               ? 
_refine.pdbx_diffrn_id                           1 
_refine.overall_SU_B                             ? 
_refine.overall_SU_ML                            ? 
_refine.overall_SU_R_Cruickshank_DPI             ? 
_refine.overall_SU_R_free                        ? 
_refine.overall_FOM_free_R_set                   ? 
_refine.overall_FOM_work_R_set                   ? 
_refine.pdbx_average_fsc_overall                 ? 
_refine.pdbx_average_fsc_work                    ? 
_refine.pdbx_average_fsc_free                    ? 
# 
_refine_hist.pdbx_refine_id                   'X-RAY DIFFRACTION' 
_refine_hist.cycle_id                         1 
_refine_hist.details                          ? 
_refine_hist.d_res_high                       1.10 
_refine_hist.d_res_low                        11.37 
_refine_hist.number_atoms_solvent             3 
_refine_hist.number_atoms_total               122 
_refine_hist.number_reflns_all                ? 
_refine_hist.number_reflns_obs                ? 
_refine_hist.number_reflns_R_free             ? 
_refine_hist.number_reflns_R_work             ? 
_refine_hist.R_factor_all                     ? 
_refine_hist.R_factor_obs                     ? 
_refine_hist.R_factor_R_free                  ? 
_refine_hist.R_factor_R_work                  ? 
_refine_hist.pdbx_number_residues_total       ? 
_refine_hist.pdbx_B_iso_mean_ligand           ? 
_refine_hist.pdbx_B_iso_mean_solvent          ? 
_refine_hist.pdbx_number_atoms_protein        79 
_refine_hist.pdbx_number_atoms_nucleic_acid   0 
_refine_hist.pdbx_number_atoms_ligand         40 
_refine_hist.pdbx_number_atoms_lipid          ? 
_refine_hist.pdbx_number_atoms_carb           ? 
_refine_hist.pdbx_pseudo_atom_details         ? 
# 
loop_
_refine_ls_restr.pdbx_refine_id 
_refine_ls_restr.criterion 
_refine_ls_restr.dev_ideal 
_refine_ls_restr.dev_ideal_target 
_refine_ls_restr.number 
_refine_ls_restr.rejects 
_refine_ls_restr.type 
_refine_ls_restr.weight 
_refine_ls_restr.pdbx_restraint_function 
'X-RAY DIFFRACTION' ? 0.016  0.013  114 ? r_bond_refined_d             ? ? 
'X-RAY DIFFRACTION' ? 0.033  0.017  92  ? r_bond_other_d               ? ? 
'X-RAY DIFFRACTION' ? 1.983  1.609  164 ? r_angle_refined_deg          ? ? 
'X-RAY DIFFRACTION' ? 2.176  1.631  209 ? r_angle_other_deg            ? ? 
'X-RAY DIFFRACTION' ? 3.851  5.000  10  ? r_dihedral_angle_1_deg       ? ? 
'X-RAY DIFFRACTION' ? 9.802  20.000 1   ? r_dihedral_angle_2_deg       ? ? 
'X-RAY DIFFRACTION' ? 5.635  15.000 4   ? r_dihedral_angle_3_deg       ? ? 
'X-RAY DIFFRACTION' ? ?      ?      ?   ? r_dihedral_angle_4_deg       ? ? 
'X-RAY DIFFRACTION' ? 0.088  0.200  8   ? r_chiral_restr               ? ? 
'X-RAY DIFFRACTION' ? 0.013  0.020  93  ? r_gen_planes_refined         ? ? 
'X-RAY DIFFRACTION' ? 0.034  0.020  15  ? r_gen_planes_other           ? ? 
'X-RAY DIFFRACTION' ? ?      ?      ?   ? r_nbd_refined                ? ? 
'X-RAY DIFFRACTION' ? ?      ?      ?   ? r_nbd_other                  ? ? 
'X-RAY DIFFRACTION' ? ?      ?      ?   ? r_nbtor_refined              ? ? 
'X-RAY DIFFRACTION' ? ?      ?      ?   ? r_nbtor_other                ? ? 
'X-RAY DIFFRACTION' ? ?      ?      ?   ? r_xyhbond_nbd_refined        ? ? 
'X-RAY DIFFRACTION' ? ?      ?      ?   ? r_xyhbond_nbd_other          ? ? 
'X-RAY DIFFRACTION' ? ?      ?      ?   ? r_metal_ion_refined          ? ? 
'X-RAY DIFFRACTION' ? ?      ?      ?   ? r_metal_ion_other            ? ? 
'X-RAY DIFFRACTION' ? ?      ?      ?   ? r_symmetry_vdw_refined       ? ? 
'X-RAY DIFFRACTION' ? ?      ?      ?   ? r_symmetry_vdw_other         ? ? 
'X-RAY DIFFRACTION' ? ?      ?      ?   ? r_symmetry_hbond_refined     ? ? 
'X-RAY DIFFRACTION' ? ?      ?      ?   ? r_symmetry_hbond_other       ? ? 
'X-RAY DIFFRACTION' ? ?      ?      ?   ? r_symmetry_metal_ion_refined ? ? 
'X-RAY DIFFRACTION' ? ?      ?      ?   ? r_symmetry_metal_ion_other   ? ? 
'X-RAY DIFFRACTION' ? 0.911  0.579  46  ? r_mcbond_it                  ? ? 
'X-RAY DIFFRACTION' ? 0.914  0.578  46  ? r_mcbond_other               ? ? 
'X-RAY DIFFRACTION' ? 0.924  0.870  54  ? r_mcangle_it                 ? ? 
'X-RAY DIFFRACTION' ? 0.919  0.874  55  ? r_mcangle_other              ? ? 
'X-RAY DIFFRACTION' ? 2.667  0.987  68  ? r_scbond_it                  ? ? 
'X-RAY DIFFRACTION' ? 2.707  0.984  66  ? r_scbond_other               ? ? 
'X-RAY DIFFRACTION' ? ?      ?      ?   ? r_scangle_it                 ? ? 
'X-RAY DIFFRACTION' ? 3.294  1.483  108 ? r_scangle_other              ? ? 
'X-RAY DIFFRACTION' ? 1.673  10.768 97  ? r_long_range_B_refined       ? ? 
'X-RAY DIFFRACTION' ? 1.164  9.023  83  ? r_long_range_B_other         ? ? 
'X-RAY DIFFRACTION' ? 14.828 3.000  206 ? r_rigid_bond_restr           ? ? 
'X-RAY DIFFRACTION' ? ?      ?      ?   ? r_sphericity_free            ? ? 
'X-RAY DIFFRACTION' ? ?      ?      ?   ? r_sphericity_bonded          ? ? 
# 
_refine_ls_shell.pdbx_refine_id                   'X-RAY DIFFRACTION' 
_refine_ls_shell.d_res_high                       1.101 
_refine_ls_shell.d_res_low                        1.230 
_refine_ls_shell.number_reflns_all                ? 
_refine_ls_shell.number_reflns_obs                ? 
_refine_ls_shell.number_reflns_R_free             83 
_refine_ls_shell.number_reflns_R_work             748 
_refine_ls_shell.percent_reflns_obs               83.52 
_refine_ls_shell.percent_reflns_R_free            ? 
_refine_ls_shell.R_factor_all                     ? 
_refine_ls_shell.R_factor_obs                     ? 
_refine_ls_shell.R_factor_R_free_error            ? 
_refine_ls_shell.R_factor_R_work                  0.203 
_refine_ls_shell.redundancy_reflns_all            ? 
_refine_ls_shell.redundancy_reflns_obs            ? 
_refine_ls_shell.wR_factor_all                    ? 
_refine_ls_shell.wR_factor_obs                    ? 
_refine_ls_shell.wR_factor_R_free                 ? 
_refine_ls_shell.wR_factor_R_work                 ? 
_refine_ls_shell.pdbx_R_complete                  ? 
_refine_ls_shell.pdbx_total_number_of_bins_used   5 
_refine_ls_shell.pdbx_phase_error                 ? 
_refine_ls_shell.pdbx_fsc_work                    ? 
_refine_ls_shell.pdbx_fsc_free                    ? 
_refine_ls_shell.R_factor_R_free                  0.174 
# 
_struct.entry_id                     9N35 
_struct.title                        'Mixture of L-peptide FVGGVV and D-peptide mvggvv forms rippled sheets' 
_struct.pdbx_model_details           ? 
_struct.pdbx_formula_weight          ? 
_struct.pdbx_formula_weight_method   ? 
_struct.pdbx_model_type_details      ? 
_struct.pdbx_CASP_flag               N 
# 
_struct_keywords.entry_id        9N35 
_struct_keywords.text            'rippled sheet, mixed chirality, PROTEIN FIBRIL' 
_struct_keywords.pdbx_keywords   'PROTEIN FIBRIL' 
# 
loop_
_struct_asym.id 
_struct_asym.pdbx_blank_PDB_chainid_flag 
_struct_asym.pdbx_modified 
_struct_asym.entity_id 
_struct_asym.details 
A N N 1 ? 
B N N 2 ? 
C N N 3 ? 
D N N 3 ? 
E N N 3 ? 
F N N 3 ? 
G N N 4 ? 
H N N 4 ? 
# 
loop_
_struct_ref.id 
_struct_ref.db_name 
_struct_ref.db_code 
_struct_ref.pdbx_db_accession 
_struct_ref.pdbx_db_isoform 
_struct_ref.entity_id 
_struct_ref.pdbx_seq_one_letter_code 
_struct_ref.pdbx_align_begin 
1 PDB 9N35 9N35 ? 1 ? 1 
2 PDB 9N35 9N35 ? 2 ? 1 
# 
loop_
_struct_ref_seq.align_id 
_struct_ref_seq.ref_id 
_struct_ref_seq.pdbx_PDB_id_code 
_struct_ref_seq.pdbx_strand_id 
_struct_ref_seq.seq_align_beg 
_struct_ref_seq.pdbx_seq_align_beg_ins_code 
_struct_ref_seq.seq_align_end 
_struct_ref_seq.pdbx_seq_align_end_ins_code 
_struct_ref_seq.pdbx_db_accession 
_struct_ref_seq.db_align_beg 
_struct_ref_seq.pdbx_db_align_beg_ins_code 
_struct_ref_seq.db_align_end 
_struct_ref_seq.pdbx_db_align_end_ins_code 
_struct_ref_seq.pdbx_auth_seq_align_beg 
_struct_ref_seq.pdbx_auth_seq_align_end 
1 1 9N35 A 1 ? 6 ? 9N35 35 ? 40 ? 35 40 
2 2 9N35 B 1 ? 6 ? 9N35 35 ? 40 ? 35 40 
# 
_pdbx_struct_assembly.id                   1 
_pdbx_struct_assembly.details              author_and_software_defined_assembly 
_pdbx_struct_assembly.method_details       PISA 
_pdbx_struct_assembly.oligomeric_details   dimeric 
_pdbx_struct_assembly.oligomeric_count     2 
# 
loop_
_pdbx_struct_assembly_prop.biol_id 
_pdbx_struct_assembly_prop.type 
_pdbx_struct_assembly_prop.value 
_pdbx_struct_assembly_prop.details 
1 'ABSA (A^2)' 470  ? 
1 MORE         -2   ? 
1 'SSA (A^2)'  1770 ? 
# 
_pdbx_struct_assembly_gen.assembly_id       1 
_pdbx_struct_assembly_gen.oper_expression   1 
_pdbx_struct_assembly_gen.asym_id_list      A,B,C,D,E,F,G,H 
# 
_pdbx_struct_assembly_auth_evidence.id                     1 
_pdbx_struct_assembly_auth_evidence.assembly_id            1 
_pdbx_struct_assembly_auth_evidence.experimental_support   none 
_pdbx_struct_assembly_auth_evidence.details                ? 
# 
_pdbx_struct_oper_list.id                   1 
_pdbx_struct_oper_list.type                 'identity operation' 
_pdbx_struct_oper_list.name                 1_555 
_pdbx_struct_oper_list.symmetry_operation   x,y,z 
_pdbx_struct_oper_list.matrix[1][1]         1.0000000000 
_pdbx_struct_oper_list.matrix[1][2]         0.0000000000 
_pdbx_struct_oper_list.matrix[1][3]         0.0000000000 
_pdbx_struct_oper_list.vector[1]            0.0000000000 
_pdbx_struct_oper_list.matrix[2][1]         0.0000000000 
_pdbx_struct_oper_list.matrix[2][2]         1.0000000000 
_pdbx_struct_oper_list.matrix[2][3]         0.0000000000 
_pdbx_struct_oper_list.vector[2]            0.0000000000 
_pdbx_struct_oper_list.matrix[3][1]         0.0000000000 
_pdbx_struct_oper_list.matrix[3][2]         0.0000000000 
_pdbx_struct_oper_list.matrix[3][3]         1.0000000000 
_pdbx_struct_oper_list.vector[3]            0.0000000000 
# 
loop_
_struct_conn.id 
_struct_conn.conn_type_id 
_struct_conn.pdbx_leaving_atom_flag 
_struct_conn.pdbx_PDB_id 
_struct_conn.ptnr1_label_asym_id 
_struct_conn.ptnr1_label_comp_id 
_struct_conn.ptnr1_label_seq_id 
_struct_conn.ptnr1_label_atom_id 
_struct_conn.pdbx_ptnr1_label_alt_id 
_struct_conn.pdbx_ptnr1_PDB_ins_code 
_struct_conn.pdbx_ptnr1_standard_comp_id 
_struct_conn.ptnr1_symmetry 
_struct_conn.ptnr2_label_asym_id 
_struct_conn.ptnr2_label_comp_id 
_struct_conn.ptnr2_label_seq_id 
_struct_conn.ptnr2_label_atom_id 
_struct_conn.pdbx_ptnr2_label_alt_id 
_struct_conn.pdbx_ptnr2_PDB_ins_code 
_struct_conn.ptnr1_auth_asym_id 
_struct_conn.ptnr1_auth_comp_id 
_struct_conn.ptnr1_auth_seq_id 
_struct_conn.ptnr2_auth_asym_id 
_struct_conn.ptnr2_auth_comp_id 
_struct_conn.ptnr2_auth_seq_id 
_struct_conn.ptnr2_symmetry 
_struct_conn.pdbx_ptnr3_label_atom_id 
_struct_conn.pdbx_ptnr3_label_seq_id 
_struct_conn.pdbx_ptnr3_label_comp_id 
_struct_conn.pdbx_ptnr3_label_asym_id 
_struct_conn.pdbx_ptnr3_label_alt_id 
_struct_conn.pdbx_ptnr3_PDB_ins_code 
_struct_conn.details 
_struct_conn.pdbx_dist_value 
_struct_conn.pdbx_value_order 
_struct_conn.pdbx_role 
covale1 covale both ? B MED 1 C ? ? ? 1_555 B DVA 2 N ? ? B MED 35 B DVA 36 1_555 ? ? ? ? ? ? ? 1.313 ? ? 
covale2 covale both ? B DVA 2 C ? ? ? 1_555 B GLY 3 N ? ? B DVA 36 B GLY 37 1_555 ? ? ? ? ? ? ? 1.314 ? ? 
covale3 covale both ? B GLY 4 C ? ? ? 1_555 B DVA 5 N ? ? B GLY 38 B DVA 39 1_555 ? ? ? ? ? ? ? 1.325 ? ? 
covale4 covale both ? B DVA 5 C ? ? ? 1_555 B DVA 6 N ? ? B DVA 39 B DVA 40 1_555 ? ? ? ? ? ? ? 1.316 ? ? 
# 
_struct_conn_type.id          covale 
_struct_conn_type.criteria    ? 
_struct_conn_type.reference   ? 
# 
_pdbx_entry_details.entry_id                   9N35 
_pdbx_entry_details.nonpolymer_details         ? 
_pdbx_entry_details.sequence_details           ? 
_pdbx_entry_details.compound_details           ? 
_pdbx_entry_details.source_details             ? 
_pdbx_entry_details.has_ligand_of_interest     Y 
_pdbx_entry_details.has_protein_modification   N 
# 
loop_
_chem_comp_atom.comp_id 
_chem_comp_atom.atom_id 
_chem_comp_atom.type_symbol 
_chem_comp_atom.pdbx_aromatic_flag 
_chem_comp_atom.pdbx_stereo_config 
_chem_comp_atom.pdbx_ordinal 
CFH F7   F N N 1   
CFH C1   C N N 2   
CFH F5   F N N 3   
CFH F6   F N N 4   
CFH C2   C N N 5   
CFH O4   O N N 6   
CFH C3   C N N 7   
CFH F10  F N N 8   
CFH F8   F N N 9   
CFH F9   F N N 10  
CFH H2   H N N 11  
CFH HO4  H N N 12  
DVA N    N N N 13  
DVA CA   C N R 14  
DVA CB   C N N 15  
DVA CG1  C N N 16  
DVA CG2  C N N 17  
DVA C    C N N 18  
DVA O    O N N 19  
DVA OXT  O N N 20  
DVA H    H N N 21  
DVA H2   H N N 22  
DVA HA   H N N 23  
DVA HB   H N N 24  
DVA HG11 H N N 25  
DVA HG12 H N N 26  
DVA HG13 H N N 27  
DVA HG21 H N N 28  
DVA HG22 H N N 29  
DVA HG23 H N N 30  
DVA HXT  H N N 31  
GLY N    N N N 32  
GLY CA   C N N 33  
GLY C    C N N 34  
GLY O    O N N 35  
GLY OXT  O N N 36  
GLY H    H N N 37  
GLY H2   H N N 38  
GLY HA2  H N N 39  
GLY HA3  H N N 40  
GLY HXT  H N N 41  
HOH O    O N N 42  
HOH H1   H N N 43  
HOH H2   H N N 44  
MED N    N N N 45  
MED CA   C N R 46  
MED C    C N N 47  
MED O    O N N 48  
MED CB   C N N 49  
MED CG   C N N 50  
MED SD   S N N 51  
MED CE   C N N 52  
MED OXT  O N N 53  
MED H    H N N 54  
MED H2   H N N 55  
MED HA   H N N 56  
MED HB2  H N N 57  
MED HB3  H N N 58  
MED HG2  H N N 59  
MED HG3  H N N 60  
MED HE1  H N N 61  
MED HE2  H N N 62  
MED HE3  H N N 63  
MED HXT  H N N 64  
PHE N    N N N 65  
PHE CA   C N S 66  
PHE C    C N N 67  
PHE O    O N N 68  
PHE CB   C N N 69  
PHE CG   C Y N 70  
PHE CD1  C Y N 71  
PHE CD2  C Y N 72  
PHE CE1  C Y N 73  
PHE CE2  C Y N 74  
PHE CZ   C Y N 75  
PHE OXT  O N N 76  
PHE H    H N N 77  
PHE H2   H N N 78  
PHE HA   H N N 79  
PHE HB2  H N N 80  
PHE HB3  H N N 81  
PHE HD1  H N N 82  
PHE HD2  H N N 83  
PHE HE1  H N N 84  
PHE HE2  H N N 85  
PHE HZ   H N N 86  
PHE HXT  H N N 87  
VAL N    N N N 88  
VAL CA   C N S 89  
VAL C    C N N 90  
VAL O    O N N 91  
VAL CB   C N N 92  
VAL CG1  C N N 93  
VAL CG2  C N N 94  
VAL OXT  O N N 95  
VAL H    H N N 96  
VAL H2   H N N 97  
VAL HA   H N N 98  
VAL HB   H N N 99  
VAL HG11 H N N 100 
VAL HG12 H N N 101 
VAL HG13 H N N 102 
VAL HG21 H N N 103 
VAL HG22 H N N 104 
VAL HG23 H N N 105 
VAL HXT  H N N 106 
# 
loop_
_chem_comp_bond.comp_id 
_chem_comp_bond.atom_id_1 
_chem_comp_bond.atom_id_2 
_chem_comp_bond.value_order 
_chem_comp_bond.pdbx_aromatic_flag 
_chem_comp_bond.pdbx_stereo_config 
_chem_comp_bond.pdbx_ordinal 
CFH F7  C1   sing N N 1   
CFH C1  F5   sing N N 2   
CFH C1  F6   sing N N 3   
CFH C1  C2   sing N N 4   
CFH C2  O4   sing N N 5   
CFH C2  C3   sing N N 6   
CFH C3  F10  sing N N 7   
CFH C3  F8   sing N N 8   
CFH C3  F9   sing N N 9   
CFH C2  H2   sing N N 10  
CFH O4  HO4  sing N N 11  
DVA N   CA   sing N N 12  
DVA N   H    sing N N 13  
DVA N   H2   sing N N 14  
DVA CA  CB   sing N N 15  
DVA CA  C    sing N N 16  
DVA CA  HA   sing N N 17  
DVA CB  CG1  sing N N 18  
DVA CB  CG2  sing N N 19  
DVA CB  HB   sing N N 20  
DVA CG1 HG11 sing N N 21  
DVA CG1 HG12 sing N N 22  
DVA CG1 HG13 sing N N 23  
DVA CG2 HG21 sing N N 24  
DVA CG2 HG22 sing N N 25  
DVA CG2 HG23 sing N N 26  
DVA C   O    doub N N 27  
DVA C   OXT  sing N N 28  
DVA OXT HXT  sing N N 29  
GLY N   CA   sing N N 30  
GLY N   H    sing N N 31  
GLY N   H2   sing N N 32  
GLY CA  C    sing N N 33  
GLY CA  HA2  sing N N 34  
GLY CA  HA3  sing N N 35  
GLY C   O    doub N N 36  
GLY C   OXT  sing N N 37  
GLY OXT HXT  sing N N 38  
HOH O   H1   sing N N 39  
HOH O   H2   sing N N 40  
MED N   CA   sing N N 41  
MED N   H    sing N N 42  
MED N   H2   sing N N 43  
MED CA  C    sing N N 44  
MED CA  CB   sing N N 45  
MED CA  HA   sing N N 46  
MED C   O    doub N N 47  
MED C   OXT  sing N N 48  
MED CB  CG   sing N N 49  
MED CB  HB2  sing N N 50  
MED CB  HB3  sing N N 51  
MED CG  SD   sing N N 52  
MED CG  HG2  sing N N 53  
MED CG  HG3  sing N N 54  
MED SD  CE   sing N N 55  
MED CE  HE1  sing N N 56  
MED CE  HE2  sing N N 57  
MED CE  HE3  sing N N 58  
MED OXT HXT  sing N N 59  
PHE N   CA   sing N N 60  
PHE N   H    sing N N 61  
PHE N   H2   sing N N 62  
PHE CA  C    sing N N 63  
PHE CA  CB   sing N N 64  
PHE CA  HA   sing N N 65  
PHE C   O    doub N N 66  
PHE C   OXT  sing N N 67  
PHE CB  CG   sing N N 68  
PHE CB  HB2  sing N N 69  
PHE CB  HB3  sing N N 70  
PHE CG  CD1  doub Y N 71  
PHE CG  CD2  sing Y N 72  
PHE CD1 CE1  sing Y N 73  
PHE CD1 HD1  sing N N 74  
PHE CD2 CE2  doub Y N 75  
PHE CD2 HD2  sing N N 76  
PHE CE1 CZ   doub Y N 77  
PHE CE1 HE1  sing N N 78  
PHE CE2 CZ   sing Y N 79  
PHE CE2 HE2  sing N N 80  
PHE CZ  HZ   sing N N 81  
PHE OXT HXT  sing N N 82  
VAL N   CA   sing N N 83  
VAL N   H    sing N N 84  
VAL N   H2   sing N N 85  
VAL CA  C    sing N N 86  
VAL CA  CB   sing N N 87  
VAL CA  HA   sing N N 88  
VAL C   O    doub N N 89  
VAL C   OXT  sing N N 90  
VAL CB  CG1  sing N N 91  
VAL CB  CG2  sing N N 92  
VAL CB  HB   sing N N 93  
VAL CG1 HG11 sing N N 94  
VAL CG1 HG12 sing N N 95  
VAL CG1 HG13 sing N N 96  
VAL CG2 HG21 sing N N 97  
VAL CG2 HG22 sing N N 98  
VAL CG2 HG23 sing N N 99  
VAL OXT HXT  sing N N 100 
# 
loop_
_pdbx_audit_support.funding_organization 
_pdbx_audit_support.country 
_pdbx_audit_support.grant_number 
_pdbx_audit_support.ordinal 
'National Institutes of Health/National Institute on Aging (NIH/NIA)' 'United States' 'R01 AG070895' 1 
'National Institutes of Health/National Institute on Aging (NIH/NIA)' 'United States' 'R01 AG048120' 2 
'National Institutes of Health/National Institute on Aging (NIH/NIA)' 'United States' 'R01 AG074954' 3 
# 
_atom_sites.entry_id                    9N35 
_atom_sites.Cartn_transf_matrix[1][1]   ? 
_atom_sites.Cartn_transf_matrix[1][2]   ? 
_atom_sites.Cartn_transf_matrix[1][3]   ? 
_atom_sites.Cartn_transf_matrix[2][1]   ? 
_atom_sites.Cartn_transf_matrix[2][2]   ? 
_atom_sites.Cartn_transf_matrix[2][3]   ? 
_atom_sites.Cartn_transf_matrix[3][1]   ? 
_atom_sites.Cartn_transf_matrix[3][2]   ? 
_atom_sites.Cartn_transf_matrix[3][3]   ? 
_atom_sites.Cartn_transf_vector[1]      ? 
_atom_sites.Cartn_transf_vector[2]      ? 
_atom_sites.Cartn_transf_vector[3]      ? 
_atom_sites.Cartn_transform_axes        ? 
_atom_sites.fract_transf_matrix[1][1]   0.02993355 
_atom_sites.fract_transf_matrix[1][2]   0.00917397 
_atom_sites.fract_transf_matrix[1][3]   0.03634312 
_atom_sites.fract_transf_matrix[2][1]   0.06497595 
_atom_sites.fract_transf_matrix[2][2]   -0.05038390 
_atom_sites.fract_transf_matrix[2][3]   -0.03122334 
_atom_sites.fract_transf_matrix[3][1]   0.05001689 
_atom_sites.fract_transf_matrix[3][2]   0.07600787 
_atom_sites.fract_transf_matrix[3][3]   -0.05701696 
_atom_sites.fract_transf_vector[1]      0.481485 
_atom_sites.fract_transf_vector[2]      0.525333 
_atom_sites.fract_transf_vector[3]      0.495330 
_atom_sites.solution_primary            ? 
_atom_sites.solution_secondary          ? 
_atom_sites.solution_hydrogens          ? 
_atom_sites.special_details             ? 
# 
loop_
_atom_type.symbol 
_atom_type.pdbx_scat_Z 
_atom_type.pdbx_N_electrons 
_atom_type.scat_Cromer_Mann_a1 
_atom_type.scat_Cromer_Mann_b1 
_atom_type.scat_Cromer_Mann_a2 
_atom_type.scat_Cromer_Mann_b2 
_atom_type.scat_Cromer_Mann_a3 
_atom_type.scat_Cromer_Mann_b3 
_atom_type.scat_Cromer_Mann_a4 
_atom_type.scat_Cromer_Mann_b4 
_atom_type.scat_Cromer_Mann_c 
C 6  6  2.310  20.844 1.020 10.208 1.589 0.569  0.865 51.651 0.216   
F 9  9  3.539  10.282 2.641 4.294  1.517 0.262  1.024 26.148 0.304   
H 1  1  0.493  10.511 0.323 26.126 0.140 3.142  0.041 57.800 0.003   
N 7  7  12.222 0.006  3.135 9.893  2.014 28.997 1.167 0.583  -11.538 
O 8  8  3.049  13.277 2.287 5.701  1.546 0.324  0.867 32.909 0.251   
S 16 16 6.905  1.468  5.203 22.215 1.438 0.254  1.586 56.172 1.050   
# 
loop_
_atom_site.group_PDB 
_atom_site.id 
_atom_site.type_symbol 
_atom_site.label_atom_id 
_atom_site.label_alt_id 
_atom_site.label_comp_id 
_atom_site.label_asym_id 
_atom_site.label_entity_id 
_atom_site.label_seq_id 
_atom_site.pdbx_PDB_ins_code 
_atom_site.Cartn_x 
_atom_site.Cartn_y 
_atom_site.Cartn_z 
_atom_site.occupancy 
_atom_site.B_iso_or_equiv 
_atom_site.pdbx_formal_charge 
_atom_site.auth_seq_id 
_atom_site.auth_comp_id 
_atom_site.auth_asym_id 
_atom_site.auth_atom_id 
_atom_site.pdbx_PDB_model_num 
_atom_site.calc_flag 
ATOM   1   N N    . PHE A 1 1 ? -5.935 -4.693 -5.777  1.00 6.41  ? 35  PHE A N    1 ? 
ATOM   2   C CA   . PHE A 1 1 ? -5.701 -3.580 -4.793  1.00 6.03  ? 35  PHE A CA   1 ? 
ATOM   3   C C    . PHE A 1 1 ? -4.650 -4.074 -3.813  1.00 4.76  ? 35  PHE A C    1 ? 
ATOM   4   O O    . PHE A 1 1 ? -4.864 -5.038 -3.073  1.00 6.59  ? 35  PHE A O    1 ? 
ATOM   5   C CB   . PHE A 1 1 ? -6.988 -3.229 -4.086  1.00 6.32  ? 35  PHE A CB   1 ? 
ATOM   6   C CG   . PHE A 1 1 ? -6.871 -2.119 -3.069  1.00 6.25  ? 35  PHE A CG   1 ? 
ATOM   7   C CD1  . PHE A 1 1 ? -6.379 -2.342 -1.789  1.00 6.85  ? 35  PHE A CD1  1 ? 
ATOM   8   C CD2  . PHE A 1 1 ? -7.200 -0.838 -3.427  1.00 6.84  ? 35  PHE A CD2  1 ? 
ATOM   9   C CE1  . PHE A 1 1 ? -6.290 -1.302 -0.881  1.00 8.39  ? 35  PHE A CE1  1 ? 
ATOM   10  C CE2  . PHE A 1 1 ? -7.143 0.182  -2.497  1.00 8.28  ? 35  PHE A CE2  1 ? 
ATOM   11  C CZ   . PHE A 1 1 ? -6.618 -0.032 -1.255  1.00 8.93  ? 35  PHE A CZ   1 ? 
ATOM   12  H H1   . PHE A 1 1 ? -6.808 -4.950 -5.742  1.00 6.41  ? 35  PHE A H1   1 ? 
ATOM   13  H H2   . PHE A 1 1 ? -5.372 -5.439 -5.556  1.00 6.41  ? 35  PHE A H2   1 ? 
ATOM   14  H H3   . PHE A 1 1 ? -5.727 -4.386 -6.662  1.00 6.41  ? 35  PHE A H3   1 ? 
ATOM   15  H HA   . PHE A 1 1 ? -5.382 -2.782 -5.287  1.00 6.03  ? 35  PHE A HA   1 ? 
ATOM   16  H HB2  . PHE A 1 1 ? -7.642 -2.941 -4.758  1.00 6.32  ? 35  PHE A HB2  1 ? 
ATOM   17  H HB3  . PHE A 1 1 ? -7.310 -4.025 -3.614  1.00 6.32  ? 35  PHE A HB3  1 ? 
ATOM   18  H HD1  . PHE A 1 1 ? -6.107 -3.210 -1.538  1.00 6.85  ? 35  PHE A HD1  1 ? 
ATOM   19  H HD2  . PHE A 1 1 ? -7.467 -0.650 -4.313  1.00 6.84  ? 35  PHE A HD2  1 ? 
ATOM   20  H HE1  . PHE A 1 1 ? -5.954 -1.465 -0.013  1.00 8.39  ? 35  PHE A HE1  1 ? 
ATOM   21  H HE2  . PHE A 1 1 ? -7.472 1.032  -2.726  1.00 8.28  ? 35  PHE A HE2  1 ? 
ATOM   22  H HZ   . PHE A 1 1 ? -6.556 0.674  -0.632  1.00 8.93  ? 35  PHE A HZ   1 ? 
ATOM   23  N N    . VAL A 1 2 ? -3.499 -3.453 -3.780  1.00 5.03  ? 36  VAL A N    1 ? 
ATOM   24  C CA   . VAL A 1 2 ? -2.446 -3.833 -2.819  1.00 5.40  ? 36  VAL A CA   1 ? 
ATOM   25  C C    . VAL A 1 2 ? -2.477 -2.854 -1.646  1.00 5.27  ? 36  VAL A C    1 ? 
ATOM   26  O O    . VAL A 1 2 ? -2.252 -1.670 -1.817  1.00 5.15  ? 36  VAL A O    1 ? 
ATOM   27  C CB   . VAL A 1 2 ? -1.063 -3.851 -3.471  1.00 5.95  ? 36  VAL A CB   1 ? 
ATOM   28  C CG1  . VAL A 1 2 ? -0.002 -4.327 -2.501  1.00 6.57  ? 36  VAL A CG1  1 ? 
ATOM   29  C CG2  . VAL A 1 2 ? -1.097 -4.729 -4.688  1.00 8.43  ? 36  VAL A CG2  1 ? 
ATOM   30  H H    . VAL A 1 2 ? -3.327 -2.695 -4.425  1.00 5.03  ? 36  VAL A H    1 ? 
ATOM   31  H HA   . VAL A 1 2 ? -2.643 -4.725 -2.482  1.00 5.40  ? 36  VAL A HA   1 ? 
ATOM   32  H HB   . VAL A 1 2 ? -0.860 -2.926 -3.754  1.00 5.95  ? 36  VAL A HB   1 ? 
ATOM   33  H HG11 . VAL A 1 2 ? 0.026  -3.732 -1.733  1.00 6.57  ? 36  VAL A HG11 1 ? 
ATOM   34  H HG12 . VAL A 1 2 ? 0.864  -4.329 -2.943  1.00 6.57  ? 36  VAL A HG12 1 ? 
ATOM   35  H HG13 . VAL A 1 2 ? -0.216 -5.229 -2.204  1.00 6.57  ? 36  VAL A HG13 1 ? 
ATOM   36  H HG21 . VAL A 1 2 ? -1.346 -5.633 -4.430  1.00 8.43  ? 36  VAL A HG21 1 ? 
ATOM   37  H HG22 . VAL A 1 2 ? -0.219 -4.741 -5.105  1.00 8.43  ? 36  VAL A HG22 1 ? 
ATOM   38  H HG23 . VAL A 1 2 ? -1.750 -4.382 -5.320  1.00 8.43  ? 36  VAL A HG23 1 ? 
ATOM   39  N N    . GLY A 1 3 ? -2.706 -3.389 -0.454  1.00 4.26  ? 37  GLY A N    1 ? 
ATOM   40  C CA   . GLY A 1 3 ? -2.811 -2.538 0.715   1.00 4.82  ? 37  GLY A CA   1 ? 
ATOM   41  C C    . GLY A 1 3 ? -1.493 -1.888 1.068   1.00 5.56  ? 37  GLY A C    1 ? 
ATOM   42  O O    . GLY A 1 3 ? -0.432 -2.515 0.946   1.00 6.44  ? 37  GLY A O    1 ? 
ATOM   43  H H    . GLY A 1 3 ? -2.809 -4.388 -0.348  1.00 4.26  ? 37  GLY A H    1 ? 
ATOM   44  H HA2  . GLY A 1 3 ? -3.485 -1.834 0.544   1.00 4.82  ? 37  GLY A HA2  1 ? 
ATOM   45  H HA3  . GLY A 1 3 ? -3.121 -3.081 1.483   1.00 4.82  ? 37  GLY A HA3  1 ? 
ATOM   46  N N    . GLY A 1 4 ? -1.583 -0.701 1.654   1.00 4.84  ? 38  GLY A N    1 ? 
ATOM   47  C CA   . GLY A 1 4 ? -0.372 -0.047 2.167   1.00 5.84  ? 38  GLY A CA   1 ? 
ATOM   48  C C    . GLY A 1 4 ? 0.077  -0.655 3.475   1.00 5.19  ? 38  GLY A C    1 ? 
ATOM   49  O O    . GLY A 1 4 ? -0.610 -1.506 4.109   1.00 6.15  ? 38  GLY A O    1 ? 
ATOM   50  H H    . GLY A 1 4 ? -2.474 -0.236 1.754   1.00 4.84  ? 38  GLY A H    1 ? 
ATOM   51  H HA2  . GLY A 1 4 ? 0.352  -0.134 1.498   1.00 5.84  ? 38  GLY A HA2  1 ? 
ATOM   52  H HA3  . GLY A 1 4 ? -0.556 0.918  2.297   1.00 5.84  ? 38  GLY A HA3  1 ? 
ATOM   53  N N    . VAL A 1 5 ? 1.296  -0.310 3.865   1.00 5.64  ? 39  VAL A N    1 ? 
ATOM   54  C CA   . VAL A 1 5 ? 1.932  -0.740 5.126   1.00 5.72  ? 39  VAL A CA   1 ? 
ATOM   55  C C    . VAL A 1 5 ? 2.319  0.504  5.934   1.00 6.09  ? 39  VAL A C    1 ? 
ATOM   56  O O    . VAL A 1 5 ? 2.881  1.470  5.366   1.00 7.22  ? 39  VAL A O    1 ? 
ATOM   57  C CB   . VAL A 1 5 ? 3.123  -1.682 4.934   1.00 6.53  ? 39  VAL A CB   1 ? 
ATOM   58  C CG1  . VAL A 1 5 ? 2.635  -3.025 4.424   1.00 7.65  ? 39  VAL A CG1  1 ? 
ATOM   59  C CG2  . VAL A 1 5 ? 4.148  -1.088 4.009   1.00 7.24  ? 39  VAL A CG2  1 ? 
ATOM   60  H H    . VAL A 1 5 ? 1.808  0.293  3.237   1.00 5.64  ? 39  VAL A H    1 ? 
ATOM   61  H HA   . VAL A 1 5 ? 1.281  -1.253 5.639   1.00 5.72  ? 39  VAL A HA   1 ? 
ATOM   62  H HB   . VAL A 1 5 ? 3.548  -1.801 5.819   1.00 6.53  ? 39  VAL A HB   1 ? 
ATOM   63  H HG11 . VAL A 1 5 ? 2.017  -3.412 5.068   1.00 7.65  ? 39  VAL A HG11 1 ? 
ATOM   64  H HG12 . VAL A 1 5 ? 3.394  -3.621 4.302   1.00 7.65  ? 39  VAL A HG12 1 ? 
ATOM   65  H HG13 . VAL A 1 5 ? 2.180  -2.903 3.573   1.00 7.65  ? 39  VAL A HG13 1 ? 
ATOM   66  H HG21 . VAL A 1 5 ? 3.743  -0.922 3.140   1.00 7.24  ? 39  VAL A HG21 1 ? 
ATOM   67  H HG22 . VAL A 1 5 ? 4.892  -1.708 3.907   1.00 7.24  ? 39  VAL A HG22 1 ? 
ATOM   68  H HG23 . VAL A 1 5 ? 4.474  -0.251 4.380   1.00 7.24  ? 39  VAL A HG23 1 ? 
ATOM   69  N N    . VAL A 1 6 ? 1.908  0.529  7.194   1.00 5.80  ? 40  VAL A N    1 ? 
ATOM   70  C CA   . VAL A 1 6 ? 2.122  1.657  8.117   1.00 6.13  ? 40  VAL A CA   1 ? 
ATOM   71  C C    . VAL A 1 6 ? 3.348  1.363  8.957   1.00 6.32  ? 40  VAL A C    1 ? 
ATOM   72  O O    . VAL A 1 6 ? 3.451  0.249  9.533   1.00 6.60  ? 40  VAL A O    1 ? 
ATOM   73  C CB   . VAL A 1 6 ? 0.877  1.807  8.997   1.00 8.78  ? 40  VAL A CB   1 ? 
ATOM   74  C CG1  . VAL A 1 6 ? 1.060  2.778  10.147  1.00 11.89 ? 40  VAL A CG1  1 ? 
ATOM   75  C CG2  . VAL A 1 6 ? -0.293 2.259  8.145   1.00 11.15 ? 40  VAL A CG2  1 ? 
ATOM   76  O OXT  . VAL A 1 6 ? 4.198  2.251  9.176   1.00 8.35  ? 40  VAL A OXT  1 ? 
ATOM   77  H H    . VAL A 1 6 ? 1.417  -0.290 7.523   1.00 5.80  ? 40  VAL A H    1 ? 
ATOM   78  H HA   . VAL A 1 6 ? 2.290  2.458  7.589   1.00 6.13  ? 40  VAL A HA   1 ? 
ATOM   79  H HB   . VAL A 1 6 ? 0.671  0.914  9.369   1.00 8.78  ? 40  VAL A HB   1 ? 
ATOM   80  H HG11 . VAL A 1 6 ? 1.785  2.471  10.719  1.00 11.89 ? 40  VAL A HG11 1 ? 
ATOM   81  H HG12 . VAL A 1 6 ? 0.237  2.828  10.665  1.00 11.89 ? 40  VAL A HG12 1 ? 
ATOM   82  H HG13 . VAL A 1 6 ? 1.275  3.660  9.796   1.00 11.89 ? 40  VAL A HG13 1 ? 
ATOM   83  H HG21 . VAL A 1 6 ? -0.083 3.115  7.732   1.00 11.15 ? 40  VAL A HG21 1 ? 
ATOM   84  H HG22 . VAL A 1 6 ? -1.084 2.354  8.703   1.00 11.15 ? 40  VAL A HG22 1 ? 
ATOM   85  H HG23 . VAL A 1 6 ? -0.464 1.599  7.451   1.00 11.15 ? 40  VAL A HG23 1 ? 
HETATM 86  N N    . MED B 2 1 ? 5.870  5.078  5.783   1.00 6.92  ? 35  MED B N    1 ? 
HETATM 87  C CA   . MED B 2 1 ? 5.468  3.959  4.882   1.00 6.60  ? 35  MED B CA   1 ? 
HETATM 88  C C    . MED B 2 1 ? 4.326  4.420  3.991   1.00 5.85  ? 35  MED B C    1 ? 
HETATM 89  O O    . MED B 2 1 ? 4.392  5.541  3.478   1.00 7.28  ? 35  MED B O    1 ? 
HETATM 90  C CB   . MED B 2 1 ? 6.648  3.585  4.012   1.00 8.93  ? 35  MED B CB   1 ? 
HETATM 91  C CG   . MED B 2 1 ? 6.464  2.286  3.305   1.00 11.68 ? 35  MED B CG   1 ? 
HETATM 92  S SD   . MED B 2 1 ? 7.888  1.800  2.413   1.00 15.34 ? 35  MED B SD   1 ? 
HETATM 93  C CE   . MED B 2 1 ? 7.217  0.323  1.671   1.00 23.34 ? 35  MED B CE   1 ? 
HETATM 94  H H2   . MED B 2 1 ? 5.322  5.845  5.605   1.00 6.92  ? 35  MED B H2   1 ? 
HETATM 95  H H    . MED B 2 1 ? 5.763  4.822  6.651   1.00 6.92  ? 35  MED B H    1 ? 
HETATM 96  H H3   . MED B 2 1 ? 6.791  5.299  5.626   1.00 6.92  ? 35  MED B H3   1 ? 
HETATM 97  H HA   . MED B 2 1 ? 5.177  3.200  5.438   1.00 6.60  ? 35  MED B HA   1 ? 
HETATM 98  H HB2  . MED B 2 1 ? 7.445  3.512  4.579   1.00 8.93  ? 35  MED B HB2  1 ? 
HETATM 99  H HB3  . MED B 2 1 ? 6.774  4.284  3.336   1.00 8.93  ? 35  MED B HB3  1 ? 
HETATM 100 H HG2  . MED B 2 1 ? 5.711  2.361  2.682   1.00 11.68 ? 35  MED B HG2  1 ? 
HETATM 101 H HG3  . MED B 2 1 ? 6.247  1.589  3.960   1.00 11.68 ? 35  MED B HG3  1 ? 
HETATM 102 H HE1  . MED B 2 1 ? 7.892  -0.095 1.120   1.00 23.34 ? 35  MED B HE1  1 ? 
HETATM 103 H HE2  . MED B 2 1 ? 6.459  0.554  1.129   1.00 23.34 ? 35  MED B HE2  1 ? 
HETATM 104 H HE3  . MED B 2 1 ? 6.944  -0.286 2.362   1.00 23.34 ? 35  MED B HE3  1 ? 
HETATM 105 N N    . DVA B 2 2 ? 3.377  3.549  3.735   1.00 5.00  ? 36  DVA B N    1 ? 
HETATM 106 C CA   . DVA B 2 2 ? 2.279  3.836  2.798   1.00 5.40  ? 36  DVA B CA   1 ? 
HETATM 107 C CB   . DVA B 2 2 ? 0.932  3.754  3.514   1.00 7.12  ? 36  DVA B CB   1 ? 
HETATM 108 C CG1  . DVA B 2 2 ? -0.194 4.027  2.524   1.00 8.94  ? 36  DVA B CG1  1 ? 
HETATM 109 C CG2  . DVA B 2 2 ? 0.893  4.704  4.665   1.00 8.15  ? 36  DVA B CG2  1 ? 
HETATM 110 C C    . DVA B 2 2 ? 2.401  2.796  1.692   1.00 6.17  ? 36  DVA B C    1 ? 
HETATM 111 O O    . DVA B 2 2 ? 2.325  1.577  1.940   1.00 6.33  ? 36  DVA B O    1 ? 
HETATM 112 H H    . DVA B 2 2 ? 3.406  2.653  4.199   1.00 4.99  ? 36  DVA B H    1 ? 
HETATM 113 H HA   . DVA B 2 2 ? 2.414  4.728  2.432   1.00 5.40  ? 36  DVA B HA   1 ? 
HETATM 114 H HB   . DVA B 2 2 ? 0.836  2.829  3.853   1.00 7.12  ? 36  DVA B HB   1 ? 
HETATM 115 H HG11 . DVA B 2 2 ? -1.050 3.974  2.983   1.00 8.94  ? 36  DVA B HG11 1 ? 
HETATM 116 H HG12 . DVA B 2 2 ? -0.167 3.368  1.813   1.00 8.94  ? 36  DVA B HG12 1 ? 
HETATM 117 H HG13 . DVA B 2 2 ? -0.085 4.914  2.146   1.00 8.94  ? 36  DVA B HG13 1 ? 
HETATM 118 H HG21 . DVA B 2 2 ? 0.031  4.640  5.110   1.00 8.15  ? 36  DVA B HG21 1 ? 
HETATM 119 H HG22 . DVA B 2 2 ? 1.024  5.609  4.342   1.00 8.15  ? 36  DVA B HG22 1 ? 
HETATM 120 H HG23 . DVA B 2 2 ? 1.598  4.481  5.293   1.00 8.15  ? 36  DVA B HG23 1 ? 
ATOM   121 N N    . GLY B 2 3 ? 2.722  3.236  0.497   1.00 6.26  ? 37  GLY B N    1 ? 
ATOM   122 C CA   . GLY B 2 3 ? 2.884  2.266  -0.590  1.00 6.10  ? 37  GLY B CA   1 ? 
ATOM   123 C C    . GLY B 2 3 ? 1.543  1.696  -1.016  1.00 5.44  ? 37  GLY B C    1 ? 
ATOM   124 O O    . GLY B 2 3 ? 0.472  2.295  -0.919  1.00 6.84  ? 37  GLY B O    1 ? 
ATOM   125 H H    . GLY B 2 3 ? 2.861  4.218  0.306   1.00 6.26  ? 37  GLY B H    1 ? 
ATOM   126 H HA2  . GLY B 2 3 ? 3.317  2.713  -1.361  1.00 6.10  ? 37  GLY B HA2  1 ? 
ATOM   127 H HA3  . GLY B 2 3 ? 3.478  1.534  -0.286  1.00 6.10  ? 37  GLY B HA3  1 ? 
ATOM   128 N N    . GLY B 2 4 ? 1.666  0.495  -1.551  1.00 5.58  ? 38  GLY B N    1 ? 
ATOM   129 C CA   . GLY B 2 4 ? 0.532  -0.189 -2.168  1.00 6.82  ? 38  GLY B CA   1 ? 
ATOM   130 C C    . GLY B 2 4 ? 0.063  0.452  -3.434  1.00 5.07  ? 38  GLY B C    1 ? 
ATOM   131 O O    . GLY B 2 4 ? 0.766  1.273  -4.033  1.00 4.86  ? 38  GLY B O    1 ? 
ATOM   132 H H    . GLY B 2 4 ? 2.567  0.038  -1.532  1.00 5.58  ? 38  GLY B H    1 ? 
ATOM   133 H HA2  . GLY B 2 4 ? 0.789  -1.125 -2.367  1.00 6.83  ? 38  GLY B HA2  1 ? 
ATOM   134 H HA3  . GLY B 2 4 ? -0.223 -0.207 -1.527  1.00 6.83  ? 38  GLY B HA3  1 ? 
HETATM 135 N N    . DVA B 2 5 ? -1.124 0.048  -3.862  1.00 4.28  ? 39  DVA B N    1 ? 
HETATM 136 C CA   . DVA B 2 5 ? -1.794 0.565  -5.063  1.00 5.48  ? 39  DVA B CA   1 ? 
HETATM 137 C CB   . DVA B 2 5 ? -3.030 1.386  -4.713  1.00 7.15  ? 39  DVA B CB   1 ? 
HETATM 138 C CG1  . DVA B 2 5 ? -2.635 2.572  -3.875  1.00 7.21  ? 39  DVA B CG1  1 ? 
HETATM 139 C CG2  . DVA B 2 5 ? -4.125 0.582  -4.062  1.00 7.59  ? 39  DVA B CG2  1 ? 
HETATM 140 C C    . DVA B 2 5 ? -2.093 -0.614 -6.005  1.00 5.56  ? 39  DVA B C    1 ? 
HETATM 141 O O    . DVA B 2 5 ? -2.461 -1.699 -5.548  1.00 7.36  ? 39  DVA B O    1 ? 
HETATM 142 H H    . DVA B 2 5 ? -1.581 -0.664 -3.310  1.00 4.28  ? 39  DVA B H    1 ? 
HETATM 143 H HA   . DVA B 2 5 ? -1.186 1.178  -5.515  1.00 5.48  ? 39  DVA B HA   1 ? 
HETATM 144 H HB   . DVA B 2 5 ? -3.413 1.716  -5.562  1.00 7.15  ? 39  DVA B HB   1 ? 
HETATM 145 H HG11 . DVA B 2 5 ? -3.427 3.092  -3.655  1.00 7.21  ? 39  DVA B HG11 1 ? 
HETATM 146 H HG12 . DVA B 2 5 ? -2.013 3.126  -4.372  1.00 7.21  ? 39  DVA B HG12 1 ? 
HETATM 147 H HG13 . DVA B 2 5 ? -2.212 2.265  -3.059  1.00 7.21  ? 39  DVA B HG13 1 ? 
HETATM 148 H HG21 . DVA B 2 5 ? -4.880 1.162  -3.864  1.00 7.59  ? 39  DVA B HG21 1 ? 
HETATM 149 H HG22 . DVA B 2 5 ? -3.794 0.191  -3.238  1.00 7.59  ? 39  DVA B HG22 1 ? 
HETATM 150 H HG23 . DVA B 2 5 ? -4.409 -0.125 -4.663  1.00 7.59  ? 39  DVA B HG23 1 ? 
HETATM 151 N N    . DVA B 2 6 ? -1.872 -0.381 -7.281  1.00 7.11  ? 40  DVA B N    1 ? 
HETATM 152 C CA   . DVA B 2 6 ? -2.091 -1.356 -8.373  1.00 6.80  ? 40  DVA B CA   1 ? 
HETATM 153 C CB   . DVA B 2 6 ? -0.886 -1.291 -9.318  1.00 7.85  ? 40  DVA B CB   1 ? 
HETATM 154 C CG1  . DVA B 2 6 ? -1.013 -2.212 -10.493 1.00 8.63  ? 40  DVA B CG1  1 ? 
HETATM 155 C CG2  . DVA B 2 6 ? 0.386  -1.600 -8.550  1.00 8.61  ? 40  DVA B CG2  1 ? 
HETATM 156 C C    . DVA B 2 6 ? -3.354 -1.014 -9.151  1.00 7.68  ? 40  DVA B C    1 ? 
HETATM 157 O O    . DVA B 2 6 ? -3.410 0.122  -9.671  1.00 7.52  ? 40  DVA B O    1 ? 
HETATM 158 O OXT  . DVA B 2 6 ? -4.222 -1.889 -9.283  1.00 8.62  ? 40  DVA B OXT  1 ? 
HETATM 159 H H    . DVA B 2 6 ? -1.528 0.541  -7.506  1.00 7.11  ? 40  DVA B H    1 ? 
HETATM 160 H HA   . DVA B 2 6 ? -2.217 -2.238 -7.978  1.00 6.80  ? 40  DVA B HA   1 ? 
HETATM 161 H HB   . DVA B 2 6 ? -0.843 -0.370 -9.676  1.00 7.85  ? 40  DVA B HB   1 ? 
HETATM 162 H HG11 . DVA B 2 6 ? -0.224 -2.130 -11.057 1.00 8.63  ? 40  DVA B HG11 1 ? 
HETATM 163 H HG12 . DVA B 2 6 ? -1.801 -1.976 -11.006 1.00 8.63  ? 40  DVA B HG12 1 ? 
HETATM 164 H HG13 . DVA B 2 6 ? -1.093 -3.127 -10.180 1.00 8.63  ? 40  DVA B HG13 1 ? 
HETATM 165 H HG21 . DVA B 2 6 ? 1.148  -1.559 -9.154  1.00 8.61  ? 40  DVA B HG21 1 ? 
HETATM 166 H HG22 . DVA B 2 6 ? 0.325  -2.490 -8.168  1.00 8.61  ? 40  DVA B HG22 1 ? 
HETATM 167 H HG23 . DVA B 2 6 ? 0.501  -0.951 -7.840  1.00 8.61  ? 40  DVA B HG23 1 ? 
HETATM 168 F F7   . CFH C 3 . ? -3.291 3.853  3.950   0.50 20.43 ? 101 CFH A F7   1 ? 
HETATM 169 C C1   . CFH C 3 . ? -3.081 2.848  4.805   0.50 11.67 ? 101 CFH A C1   1 ? 
HETATM 170 F F5   . CFH C 3 . ? -2.311 1.905  4.239   0.50 13.84 ? 101 CFH A F5   1 ? 
HETATM 171 F F6   . CFH C 3 . ? -2.404 3.283  5.857   0.50 18.74 ? 101 CFH A F6   1 ? 
HETATM 172 C C2   . CFH C 3 . ? -4.404 2.318  5.238   0.50 7.76  ? 101 CFH A C2   1 ? 
HETATM 173 O O4   . CFH C 3 . ? -5.115 1.974  4.084   0.50 7.75  ? 101 CFH A O4   1 ? 
HETATM 174 C C3   . CFH C 3 . ? -4.174 1.156  6.169   0.50 20.48 ? 101 CFH A C3   1 ? 
HETATM 175 F F10  . CFH C 3 . ? -3.444 0.245  5.545   0.50 16.29 ? 101 CFH A F10  1 ? 
HETATM 176 F F8   . CFH C 3 . ? -5.319 0.620  6.597   0.50 17.67 ? 101 CFH A F8   1 ? 
HETATM 177 F F9   . CFH C 3 . ? -3.465 1.464  7.258   0.50 16.35 ? 101 CFH A F9   1 ? 
HETATM 178 H H2   . CFH C 3 . ? -4.893 3.031  5.699   0.50 7.76  ? 101 CFH A H2   1 ? 
HETATM 179 F F7   . CFH D 3 . ? 5.923  5.171  9.749   1.00 13.47 ? 102 CFH A F7   1 ? 
HETATM 180 C C1   . CFH D 3 . ? 5.031  6.074  9.352   1.00 9.92  ? 102 CFH A C1   1 ? 
HETATM 181 F F5   . CFH D 3 . ? 5.604  6.803  8.400   1.00 12.20 ? 102 CFH A F5   1 ? 
HETATM 182 F F6   . CFH D 3 . ? 4.808  6.917  10.351  1.00 13.20 ? 102 CFH A F6   1 ? 
HETATM 183 C C2   . CFH D 3 . ? 3.768  5.418  8.875   1.00 7.45  ? 102 CFH A C2   1 ? 
HETATM 184 O O4   . CFH D 3 . ? 4.104  4.446  7.925   1.00 7.09  ? 102 CFH A O4   1 ? 
HETATM 185 C C3   . CFH D 3 . ? 2.800  6.349  8.242   1.00 8.51  ? 102 CFH A C3   1 ? 
HETATM 186 F F10  . CFH D 3 . ? 2.527  7.420  9.033   1.00 10.16 ? 102 CFH A F10  1 ? 
HETATM 187 F F8   . CFH D 3 . ? 3.230  6.838  7.098   1.00 11.72 ? 102 CFH A F8   1 ? 
HETATM 188 F F9   . CFH D 3 . ? 1.644  5.741  8.015   1.00 10.91 ? 102 CFH A F9   1 ? 
HETATM 189 H H2   . CFH D 3 . ? 3.319  5.004  9.641   1.00 7.45  ? 102 CFH A H2   1 ? 
HETATM 190 F F7   . CFH E 3 . ? -6.073 -4.830 -9.891  1.00 9.47  ? 101 CFH B F7   1 ? 
HETATM 191 C C1   . CFH E 3 . ? -5.192 -5.696 -9.408  1.00 7.76  ? 101 CFH B C1   1 ? 
HETATM 192 F F5   . CFH E 3 . ? -5.789 -6.373 -8.422  1.00 10.45 ? 101 CFH B F5   1 ? 
HETATM 193 F F6   . CFH E 3 . ? -4.932 -6.573 -10.408 1.00 10.24 ? 101 CFH B F6   1 ? 
HETATM 194 C C2   . CFH E 3 . ? -3.936 -4.995 -8.981  1.00 6.43  ? 101 CFH B C2   1 ? 
HETATM 195 O O4   . CFH E 3 . ? -4.274 -4.045 -8.040  1.00 5.92  ? 101 CFH B O4   1 ? 
HETATM 196 C C3   . CFH E 3 . ? -2.914 -5.887 -8.353  1.00 7.60  ? 101 CFH B C3   1 ? 
HETATM 197 F F10  . CFH E 3 . ? -2.634 -6.942 -9.117  1.00 10.24 ? 101 CFH B F10  1 ? 
HETATM 198 F F8   . CFH E 3 . ? -3.290 -6.387 -7.186  1.00 9.88  ? 101 CFH B F8   1 ? 
HETATM 199 F F9   . CFH E 3 . ? -1.754 -5.266 -8.154  1.00 9.49  ? 101 CFH B F9   1 ? 
HETATM 200 H H2   . CFH E 3 . ? -3.522 -4.583 -9.768  1.00 6.43  ? 101 CFH B H2   1 ? 
HETATM 201 F F7   . CFH F 3 . ? -2.370 2.953  -0.007  1.00 15.40 ? 102 CFH B F7   1 ? 
HETATM 202 C C1   . CFH F 3 . ? -3.403 3.749  -0.156  1.00 12.36 ? 102 CFH B C1   1 ? 
HETATM 203 F F5   . CFH F 3 . ? -3.953 3.941  1.055   1.00 15.57 ? 102 CFH B F5   1 ? 
HETATM 204 F F6   . CFH F 3 . ? -4.283 3.098  -0.889  1.00 15.59 ? 102 CFH B F6   1 ? 
HETATM 205 C C2   . CFH F 3 . ? -3.002 5.018  -0.843  1.00 12.30 ? 102 CFH B C2   1 ? 
HETATM 206 O O4   . CFH F 3 . ? -2.160 5.718  0.014   1.00 13.93 ? 102 CFH B O4   1 ? 
HETATM 207 C C3   . CFH F 3 . ? -4.172 5.848  -1.225  1.00 13.21 ? 102 CFH B C3   1 ? 
HETATM 208 F F10  . CFH F 3 . ? -3.811 7.003  -1.713  1.00 19.69 ? 102 CFH B F10  1 ? 
HETATM 209 F F8   . CFH F 3 . ? -4.877 5.299  -2.188  1.00 18.89 ? 102 CFH B F8   1 ? 
HETATM 210 F F9   . CFH F 3 . ? -4.981 6.065  -0.197  1.00 17.44 ? 102 CFH B F9   1 ? 
HETATM 211 H H2   . CFH F 3 . ? -2.504 4.792  -1.657  1.00 12.30 ? 102 CFH B H2   1 ? 
HETATM 212 O O    . HOH G 4 . ? -0.082 -5.170 0.857   1.00 6.09  ? 201 HOH A O    1 ? 
HETATM 213 O O    . HOH G 4 . ? -4.257 0.622  1.715   1.00 11.28 ? 202 HOH A O    1 ? 
HETATM 214 O O    . HOH H 4 . ? 0.207  4.964  -0.826  1.00 6.65  ? 201 HOH B O    1 ? 
# 
loop_
_atom_site_anisotrop.id 
_atom_site_anisotrop.type_symbol 
_atom_site_anisotrop.pdbx_label_atom_id 
_atom_site_anisotrop.pdbx_label_alt_id 
_atom_site_anisotrop.pdbx_label_comp_id 
_atom_site_anisotrop.pdbx_label_asym_id 
_atom_site_anisotrop.pdbx_label_seq_id 
_atom_site_anisotrop.pdbx_PDB_ins_code 
_atom_site_anisotrop.U[1][1] 
_atom_site_anisotrop.U[2][2] 
_atom_site_anisotrop.U[3][3] 
_atom_site_anisotrop.U[1][2] 
_atom_site_anisotrop.U[1][3] 
_atom_site_anisotrop.U[2][3] 
_atom_site_anisotrop.pdbx_auth_seq_id 
_atom_site_anisotrop.pdbx_auth_comp_id 
_atom_site_anisotrop.pdbx_auth_asym_id 
_atom_site_anisotrop.pdbx_auth_atom_id 
1   N N    . PHE A 1 ? 0.0871 0.0831 0.0733 0.0226  -0.0033 -0.0062 35  PHE A N    
2   C CA   . PHE A 1 ? 0.0860 0.0810 0.0620 0.0165  0.0049  -0.0045 35  PHE A CA   
3   C C    . PHE A 1 ? 0.0656 0.0529 0.0624 0.0263  0.0246  -0.0196 35  PHE A C    
4   O O    . PHE A 1 ? 0.0947 0.0765 0.0790 0.0066  -0.0026 0.0077  35  PHE A O    
5   C CB   . PHE A 1 ? 0.0814 0.0993 0.0594 0.0332  0.0004  0.0083  35  PHE A CB   
6   C CG   . PHE A 1 ? 0.0411 0.1064 0.0899 0.0359  0.0136  -0.0068 35  PHE A CG   
7   C CD1  . PHE A 1 ? 0.0610 0.1027 0.0965 0.0503  -0.0089 -0.0163 35  PHE A CD1  
8   C CD2  . PHE A 1 ? 0.0617 0.1134 0.0849 0.0451  -0.0117 -0.0006 35  PHE A CD2  
9   C CE1  . PHE A 1 ? 0.1192 0.1322 0.0673 0.0480  0.0161  -0.0259 35  PHE A CE1  
10  C CE2  . PHE A 1 ? 0.0781 0.1131 0.1231 0.0525  -0.0004 -0.0161 35  PHE A CE2  
11  C CZ   . PHE A 1 ? 0.1148 0.1152 0.1094 0.0050  -0.0103 -0.0247 35  PHE A CZ   
12  H H1   . PHE A 1 ? 0.0811 0.0811 0.0811 0.0000  0.0000  0.0000  35  PHE A H1   
13  H H2   . PHE A 1 ? 0.0811 0.0811 0.0811 0.0000  0.0000  0.0000  35  PHE A H2   
14  H H3   . PHE A 1 ? 0.0811 0.0811 0.0811 0.0000  0.0000  0.0000  35  PHE A H3   
15  H HA   . PHE A 1 ? 0.0763 0.0763 0.0763 0.0000  0.0000  0.0000  35  PHE A HA   
16  H HB2  . PHE A 1 ? 0.0800 0.0800 0.0800 0.0000  0.0000  0.0000  35  PHE A HB2  
17  H HB3  . PHE A 1 ? 0.0800 0.0800 0.0800 0.0000  0.0000  0.0000  35  PHE A HB3  
18  H HD1  . PHE A 1 ? 0.0867 0.0867 0.0867 0.0000  0.0000  0.0000  35  PHE A HD1  
19  H HD2  . PHE A 1 ? 0.0866 0.0866 0.0866 0.0000  0.0000  0.0000  35  PHE A HD2  
20  H HE1  . PHE A 1 ? 0.1062 0.1062 0.1062 0.0000  0.0000  0.0000  35  PHE A HE1  
21  H HE2  . PHE A 1 ? 0.1048 0.1048 0.1048 0.0000  0.0000  0.0000  35  PHE A HE2  
22  H HZ   . PHE A 1 ? 0.1130 0.1130 0.1130 0.0000  0.0000  0.0000  35  PHE A HZ   
23  N N    . VAL A 2 ? 0.0485 0.0692 0.0736 0.0293  0.0071  -0.0196 36  VAL A N    
24  C CA   . VAL A 2 ? 0.0557 0.0751 0.0742 0.0158  0.0041  -0.0043 36  VAL A CA   
25  C C    . VAL A 2 ? 0.0653 0.0759 0.0587 0.0111  -0.0039 0.0117  36  VAL A C    
26  O O    . VAL A 2 ? 0.0656 0.0677 0.0622 0.0139  0.0137  -0.0104 36  VAL A O    
27  C CB   . VAL A 2 ? 0.0611 0.0957 0.0692 0.0227  0.0103  -0.0228 36  VAL A CB   
28  C CG1  . VAL A 2 ? 0.0507 0.1041 0.0945 0.0333  0.0219  0.0038  36  VAL A CG1  
29  C CG2  . VAL A 2 ? 0.0948 0.1228 0.1025 0.0198  0.0273  -0.0548 36  VAL A CG2  
30  H H    . VAL A 2 ? 0.0637 0.0637 0.0637 0.0000  0.0000  0.0000  36  VAL A H    
31  H HA   . VAL A 2 ? 0.0684 0.0684 0.0684 0.0000  0.0000  0.0000  36  VAL A HA   
32  H HB   . VAL A 2 ? 0.0753 0.0753 0.0753 0.0000  0.0000  0.0000  36  VAL A HB   
33  H HG11 . VAL A 2 ? 0.0831 0.0831 0.0831 0.0000  0.0000  0.0000  36  VAL A HG11 
34  H HG12 . VAL A 2 ? 0.0831 0.0831 0.0831 0.0000  0.0000  0.0000  36  VAL A HG12 
35  H HG13 . VAL A 2 ? 0.0831 0.0831 0.0831 0.0000  0.0000  0.0000  36  VAL A HG13 
36  H HG21 . VAL A 2 ? 0.1067 0.1067 0.1067 0.0000  0.0000  0.0000  36  VAL A HG21 
37  H HG22 . VAL A 2 ? 0.1067 0.1067 0.1067 0.0000  0.0000  0.0000  36  VAL A HG22 
38  H HG23 . VAL A 2 ? 0.1067 0.1067 0.1067 0.0000  0.0000  0.0000  36  VAL A HG23 
39  N N    . GLY A 3 ? 0.0512 0.0559 0.0547 0.0071  -0.0023 0.0070  37  GLY A N    
40  C CA   . GLY A 3 ? 0.0602 0.0743 0.0485 0.0042  0.0058  0.0026  37  GLY A CA   
41  C C    . GLY A 3 ? 0.0647 0.0946 0.0517 0.0075  -0.0066 -0.0217 37  GLY A C    
42  O O    . GLY A 3 ? 0.0698 0.0885 0.0861 0.0047  -0.0001 -0.0190 37  GLY A O    
43  H H    . GLY A 3 ? 0.0540 0.0540 0.0540 0.0000  0.0000  0.0000  37  GLY A H    
44  H HA2  . GLY A 3 ? 0.0609 0.0609 0.0609 0.0000  0.0000  0.0000  37  GLY A HA2  
45  H HA3  . GLY A 3 ? 0.0609 0.0609 0.0609 0.0000  0.0000  0.0000  37  GLY A HA3  
46  N N    . GLY A 4 ? 0.0400 0.0785 0.0654 0.0266  -0.0130 -0.0042 38  GLY A N    
47  C CA   . GLY A 4 ? 0.0505 0.0771 0.0941 0.0129  -0.0203 0.0093  38  GLY A CA   
48  C C    . GLY A 4 ? 0.0736 0.0631 0.0601 0.0207  0.0121  -0.0096 38  GLY A C    
49  O O    . GLY A 4 ? 0.0817 0.0851 0.0671 0.0048  0.0100  0.0007  38  GLY A O    
50  H H    . GLY A 4 ? 0.0613 0.0613 0.0613 0.0000  0.0000  0.0000  38  GLY A H    
51  H HA2  . GLY A 4 ? 0.0739 0.0739 0.0739 0.0000  0.0000  0.0000  38  GLY A HA2  
52  H HA3  . GLY A 4 ? 0.0739 0.0739 0.0739 0.0000  0.0000  0.0000  38  GLY A HA3  
53  N N    . VAL A 5 ? 0.0745 0.0613 0.0784 0.0144  -0.0054 0.0084  39  VAL A N    
54  C CA   . VAL A 5 ? 0.0726 0.0767 0.0682 0.0200  0.0083  0.0111  39  VAL A CA   
55  C C    . VAL A 5 ? 0.0830 0.0834 0.0652 0.0153  0.0052  0.0064  39  VAL A C    
56  O O    . VAL A 5 ? 0.1133 0.0997 0.0612 -0.0103 0.0049  -0.0041 39  VAL A O    
57  C CB   . VAL A 5 ? 0.0616 0.0924 0.0939 0.0227  -0.0059 0.0015  39  VAL A CB   
58  C CG1  . VAL A 5 ? 0.0759 0.0683 0.1463 0.0320  0.0000  0.0255  39  VAL A CG1  
59  C CG2  . VAL A 5 ? 0.0928 0.1000 0.0823 0.0191  0.0071  -0.0084 39  VAL A CG2  
60  H H    . VAL A 5 ? 0.0714 0.0714 0.0714 0.0000  0.0000  0.0000  39  VAL A H    
61  H HA   . VAL A 5 ? 0.0724 0.0724 0.0724 0.0000  0.0000  0.0000  39  VAL A HA   
62  H HB   . VAL A 5 ? 0.0827 0.0827 0.0827 0.0000  0.0000  0.0000  39  VAL A HB   
63  H HG11 . VAL A 5 ? 0.0969 0.0969 0.0969 0.0000  0.0000  0.0000  39  VAL A HG11 
64  H HG12 . VAL A 5 ? 0.0969 0.0969 0.0969 0.0000  0.0000  0.0000  39  VAL A HG12 
65  H HG13 . VAL A 5 ? 0.0969 0.0969 0.0969 0.0000  0.0000  0.0000  39  VAL A HG13 
66  H HG21 . VAL A 5 ? 0.0917 0.0917 0.0917 0.0000  0.0000  0.0000  39  VAL A HG21 
67  H HG22 . VAL A 5 ? 0.0917 0.0917 0.0917 0.0000  0.0000  0.0000  39  VAL A HG22 
68  H HG23 . VAL A 5 ? 0.0917 0.0917 0.0917 0.0000  0.0000  0.0000  39  VAL A HG23 
69  N N    . VAL A 6 ? 0.0656 0.0867 0.0679 -0.0022 0.0054  -0.0004 40  VAL A N    
70  C CA   . VAL A 6 ? 0.0909 0.0690 0.0729 0.0385  -0.0166 0.0011  40  VAL A CA   
71  C C    . VAL A 6 ? 0.0920 0.0891 0.0591 0.0239  -0.0189 0.0093  40  VAL A C    
72  O O    . VAL A 6 ? 0.0821 0.0813 0.0873 0.0281  -0.0116 0.0026  40  VAL A O    
73  C CB   . VAL A 6 ? 0.0860 0.1123 0.1353 0.0425  -0.0051 -0.0361 40  VAL A CB   
74  C CG1  . VAL A 6 ? 0.1529 0.1681 0.1306 0.0277  0.0314  -0.0575 40  VAL A CG1  
75  C CG2  . VAL A 6 ? 0.0872 0.1894 0.1472 0.0249  -0.0150 -0.0088 40  VAL A CG2  
76  O OXT  . VAL A 6 ? 0.0968 0.1095 0.1108 0.0008  0.0093  -0.0081 40  VAL A OXT  
77  H H    . VAL A 6 ? 0.0733 0.0733 0.0733 0.0000  0.0000  0.0000  40  VAL A H    
78  H HA   . VAL A 6 ? 0.0776 0.0776 0.0776 0.0000  0.0000  0.0000  40  VAL A HA   
79  H HB   . VAL A 6 ? 0.1111 0.1111 0.1111 0.0000  0.0000  0.0000  40  VAL A HB   
80  H HG11 . VAL A 6 ? 0.1505 0.1505 0.1505 0.0000  0.0000  0.0000  40  VAL A HG11 
81  H HG12 . VAL A 6 ? 0.1505 0.1505 0.1505 0.0000  0.0000  0.0000  40  VAL A HG12 
82  H HG13 . VAL A 6 ? 0.1505 0.1505 0.1505 0.0000  0.0000  0.0000  40  VAL A HG13 
83  H HG21 . VAL A 6 ? 0.1412 0.1412 0.1412 0.0000  0.0000  0.0000  40  VAL A HG21 
84  H HG22 . VAL A 6 ? 0.1412 0.1412 0.1412 0.0000  0.0000  0.0000  40  VAL A HG22 
85  H HG23 . VAL A 6 ? 0.1412 0.1412 0.1412 0.0000  0.0000  0.0000  40  VAL A HG23 
86  N N    . MED B 1 ? 0.0521 0.1214 0.0894 0.0013  0.0018  -0.0259 35  MED B N    
87  C CA   . MED B 1 ? 0.1098 0.0920 0.0488 0.0156  0.0085  -0.0074 35  MED B CA   
88  C C    . MED B 1 ? 0.0816 0.0804 0.0601 0.0004  0.0177  -0.0061 35  MED B C    
89  O O    . MED B 1 ? 0.0778 0.0920 0.1065 -0.0092 -0.0079 0.0203  35  MED B O    
90  C CB   . MED B 1 ? 0.1029 0.1403 0.0960 0.0571  0.0037  -0.0180 35  MED B CB   
91  C CG   . MED B 1 ? 0.1957 0.1684 0.0795 0.0423  0.0126  -0.0394 35  MED B CG   
92  S SD   . MED B 1 ? 0.1759 0.2000 0.2068 0.0236  0.0594  -0.0295 35  MED B SD   
93  C CE   . MED B 1 ? 0.5117 0.1414 0.2338 0.1220  0.0803  -0.1312 35  MED B CE   
94  H H2   . MED B 1 ? 0.0876 0.0876 0.0876 0.0000  0.0000  0.0000  35  MED B H2   
95  H H    . MED B 1 ? 0.0876 0.0876 0.0876 0.0000  0.0000  0.0000  35  MED B H    
96  H H3   . MED B 1 ? 0.0876 0.0876 0.0876 0.0000  0.0000  0.0000  35  MED B H3   
97  H HA   . MED B 1 ? 0.0836 0.0836 0.0836 0.0000  0.0000  0.0000  35  MED B HA   
98  H HB2  . MED B 1 ? 0.1130 0.1130 0.1130 0.0000  0.0000  0.0000  35  MED B HB2  
99  H HB3  . MED B 1 ? 0.1130 0.1130 0.1130 0.0000  0.0000  0.0000  35  MED B HB3  
100 H HG2  . MED B 1 ? 0.1479 0.1479 0.1479 0.0000  0.0000  0.0000  35  MED B HG2  
101 H HG3  . MED B 1 ? 0.1479 0.1479 0.1479 0.0000  0.0000  0.0000  35  MED B HG3  
102 H HE1  . MED B 1 ? 0.2956 0.2956 0.2956 0.0000  0.0000  0.0000  35  MED B HE1  
103 H HE2  . MED B 1 ? 0.2956 0.2956 0.2956 0.0000  0.0000  0.0000  35  MED B HE2  
104 H HE3  . MED B 1 ? 0.2956 0.2956 0.2956 0.0000  0.0000  0.0000  35  MED B HE3  
105 N N    . DVA B 2 ? 0.0779 0.0661 0.0457 0.0071  0.0043  0.0031  36  DVA B N    
106 C CA   . DVA B 2 ? 0.0668 0.0690 0.0691 0.0279  0.0049  0.0008  36  DVA B CA   
107 C CB   . DVA B 2 ? 0.0989 0.0959 0.0757 0.0209  0.0344  -0.0068 36  DVA B CB   
108 C CG1  . DVA B 2 ? 0.1055 0.1142 0.1199 0.0331  0.0169  -0.0018 36  DVA B CG1  
109 C CG2  . DVA B 2 ? 0.1174 0.0861 0.1061 0.0422  0.0288  -0.0184 36  DVA B CG2  
110 C C    . DVA B 2 ? 0.0881 0.0828 0.0634 -0.0139 0.0104  -0.0051 36  DVA B C    
111 O O    . DVA B 2 ? 0.0935 0.0810 0.0658 0.0084  0.0054  0.0046  36  DVA B O    
112 H H    . DVA B 2 ? 0.0632 0.0632 0.0632 0.0000  0.0000  0.0000  36  DVA B H    
113 H HA   . DVA B 2 ? 0.0683 0.0683 0.0683 0.0000  0.0000  0.0000  36  DVA B HA   
114 H HB   . DVA B 2 ? 0.0901 0.0901 0.0901 0.0000  0.0000  0.0000  36  DVA B HB   
115 H HG11 . DVA B 2 ? 0.1132 0.1132 0.1132 0.0000  0.0000  0.0000  36  DVA B HG11 
116 H HG12 . DVA B 2 ? 0.1132 0.1132 0.1132 0.0000  0.0000  0.0000  36  DVA B HG12 
117 H HG13 . DVA B 2 ? 0.1132 0.1132 0.1132 0.0000  0.0000  0.0000  36  DVA B HG13 
118 H HG21 . DVA B 2 ? 0.1032 0.1032 0.1032 0.0000  0.0000  0.0000  36  DVA B HG21 
119 H HG22 . DVA B 2 ? 0.1032 0.1032 0.1032 0.0000  0.0000  0.0000  36  DVA B HG22 
120 H HG23 . DVA B 2 ? 0.1032 0.1032 0.1032 0.0000  0.0000  0.0000  36  DVA B HG23 
121 N N    . GLY B 3 ? 0.0962 0.0717 0.0700 -0.0001 0.0116  0.0101  37  GLY B N    
122 C CA   . GLY B 3 ? 0.0817 0.0755 0.0744 -0.0123 0.0096  0.0027  37  GLY B CA   
123 C C    . GLY B 3 ? 0.0550 0.0897 0.0618 0.0109  0.0095  0.0174  37  GLY B C    
124 O O    . GLY B 3 ? 0.0585 0.0902 0.1112 0.0114  0.0065  -0.0124 37  GLY B O    
125 H H    . GLY B 3 ? 0.0792 0.0792 0.0792 0.0000  0.0000  0.0000  37  GLY B H    
126 H HA2  . GLY B 3 ? 0.0772 0.0772 0.0772 0.0000  0.0000  0.0000  37  GLY B HA2  
127 H HA3  . GLY B 3 ? 0.0772 0.0772 0.0772 0.0000  0.0000  0.0000  37  GLY B HA3  
128 N N    . GLY B 4 ? 0.0660 0.0807 0.0652 0.0140  0.0107  0.0164  38  GLY B N    
129 C CA   . GLY B 4 ? 0.0706 0.0901 0.0984 0.0115  -0.0047 0.0302  38  GLY B CA   
130 C C    . GLY B 4 ? 0.0610 0.0646 0.0670 0.0102  -0.0037 -0.0075 38  GLY B C    
131 O O    . GLY B 4 ? 0.0658 0.0628 0.0561 0.0214  0.0077  -0.0018 38  GLY B O    
132 H H    . GLY B 4 ? 0.0706 0.0706 0.0706 0.0000  0.0000  0.0000  38  GLY B H    
133 H HA2  . GLY B 4 ? 0.0864 0.0864 0.0864 0.0000  0.0000  0.0000  38  GLY B HA2  
134 H HA3  . GLY B 4 ? 0.0864 0.0864 0.0864 0.0000  0.0000  0.0000  38  GLY B HA3  
135 N N    . DVA B 5 ? 0.0483 0.0684 0.0460 0.0191  0.0057  -0.0083 39  DVA B N    
136 C CA   . DVA B 5 ? 0.0884 0.0686 0.0512 0.0069  -0.0016 0.0082  39  DVA B CA   
137 C CB   . DVA B 5 ? 0.0716 0.1191 0.0807 0.0123  -0.0070 -0.0046 39  DVA B CB   
138 C CG1  . DVA B 5 ? 0.0941 0.1073 0.0724 0.0324  0.0086  -0.0110 39  DVA B CG1  
139 C CG2  . DVA B 5 ? 0.0774 0.1169 0.0941 0.0287  0.0041  0.0193  39  DVA B CG2  
140 C C    . DVA B 5 ? 0.0927 0.0670 0.0511 0.0269  -0.0051 -0.0024 39  DVA B C    
141 O O    . DVA B 5 ? 0.1066 0.0905 0.0822 -0.0161 0.0066  0.0034  39  DVA B O    
142 H H    . DVA B 5 ? 0.0542 0.0542 0.0542 0.0000  0.0000  0.0000  39  DVA B H    
143 H HA   . DVA B 5 ? 0.0694 0.0694 0.0694 0.0000  0.0000  0.0000  39  DVA B HA   
144 H HB   . DVA B 5 ? 0.0905 0.0905 0.0905 0.0000  0.0000  0.0000  39  DVA B HB   
145 H HG11 . DVA B 5 ? 0.0912 0.0912 0.0912 0.0000  0.0000  0.0000  39  DVA B HG11 
146 H HG12 . DVA B 5 ? 0.0912 0.0912 0.0912 0.0000  0.0000  0.0000  39  DVA B HG12 
147 H HG13 . DVA B 5 ? 0.0912 0.0912 0.0912 0.0000  0.0000  0.0000  39  DVA B HG13 
148 H HG21 . DVA B 5 ? 0.0961 0.0961 0.0961 0.0000  0.0000  0.0000  39  DVA B HG21 
149 H HG22 . DVA B 5 ? 0.0961 0.0961 0.0961 0.0000  0.0000  0.0000  39  DVA B HG22 
150 H HG23 . DVA B 5 ? 0.0961 0.0961 0.0961 0.0000  0.0000  0.0000  39  DVA B HG23 
151 N N    . DVA B 6 ? 0.1152 0.0985 0.0564 0.0012  0.0117  -0.0056 40  DVA B N    
152 C CA   . DVA B 6 ? 0.0952 0.0929 0.0700 0.0186  0.0098  -0.0171 40  DVA B CA   
153 C CB   . DVA B 6 ? 0.0951 0.1246 0.0783 0.0431  0.0136  -0.0246 40  DVA B CB   
154 C CG1  . DVA B 6 ? 0.1123 0.1313 0.0843 0.0361  0.0250  -0.0328 40  DVA B CG1  
155 C CG2  . DVA B 6 ? 0.0908 0.1288 0.1075 0.0357  0.0057  -0.0119 40  DVA B CG2  
156 C C    . DVA B 6 ? 0.1026 0.1125 0.0765 0.0142  0.0048  0.0103  40  DVA B C    
157 O O    . DVA B 6 ? 0.0935 0.1127 0.0796 0.0176  -0.0075 0.0076  40  DVA B O    
158 O OXT  . DVA B 6 ? 0.1126 0.1257 0.0893 0.0093  0.0067  -0.0150 40  DVA B OXT  
159 H H    . DVA B 6 ? 0.0900 0.0900 0.0900 0.0000  0.0000  0.0000  40  DVA B H    
160 H HA   . DVA B 6 ? 0.0860 0.0860 0.0860 0.0000  0.0000  0.0000  40  DVA B HA   
161 H HB   . DVA B 6 ? 0.0993 0.0993 0.0993 0.0000  0.0000  0.0000  40  DVA B HB   
162 H HG11 . DVA B 6 ? 0.1093 0.1093 0.1093 0.0000  0.0000  0.0000  40  DVA B HG11 
163 H HG12 . DVA B 6 ? 0.1093 0.1093 0.1093 0.0000  0.0000  0.0000  40  DVA B HG12 
164 H HG13 . DVA B 6 ? 0.1093 0.1093 0.1093 0.0000  0.0000  0.0000  40  DVA B HG13 
165 H HG21 . DVA B 6 ? 0.1090 0.1090 0.1090 0.0000  0.0000  0.0000  40  DVA B HG21 
166 H HG22 . DVA B 6 ? 0.1090 0.1090 0.1090 0.0000  0.0000  0.0000  40  DVA B HG22 
167 H HG23 . DVA B 6 ? 0.1090 0.1090 0.1090 0.0000  0.0000  0.0000  40  DVA B HG23 
168 F F7   . CFH C . ? 0.1454 0.3086 0.3221 -0.0287 -0.0141 0.0791  101 CFH A F7   
169 C C1   . CFH C . ? 0.0960 0.2008 0.1465 0.0161  0.0255  -0.0687 101 CFH A C1   
170 F F5   . CFH C . ? 0.0757 0.2459 0.2041 0.0352  0.0929  -0.0396 101 CFH A F5   
171 F F6   . CFH C . ? 0.1113 0.4679 0.1328 -0.1082 -0.0128 0.0173  101 CFH A F6   
172 C C2   . CFH C . ? 0.0444 0.1408 0.1096 0.0481  -0.0493 -0.0256 101 CFH A C2   
173 O O4   . CFH C . ? 0.0485 0.1712 0.0748 0.0367  0.0105  -0.0842 101 CFH A O4   
174 C C3   . CFH C . ? 0.1243 0.3506 0.3032 0.1451  -0.1097 0.0448  101 CFH A C3   
175 F F10  . CFH C . ? 0.1353 0.1570 0.3268 0.0588  -0.0987 -0.0343 101 CFH A F10  
176 F F8   . CFH C . ? 0.2474 0.1750 0.2488 0.0315  -0.0273 -0.0190 101 CFH A F8   
177 F F9   . CFH C . ? 0.2320 0.2291 0.1600 0.0610  -0.0915 0.0029  101 CFH A F9   
178 H H2   . CFH C . ? 0.0982 0.0982 0.0982 0.0000  0.0000  0.0000  101 CFH A H2   
179 F F7   . CFH D . ? 0.1694 0.1813 0.1612 0.0191  -0.0391 -0.0516 102 CFH A F7   
180 C C1   . CFH D . ? 0.1360 0.1039 0.1372 -0.0071 0.0166  -0.0399 102 CFH A C1   
181 F F5   . CFH D . ? 0.1626 0.1590 0.1418 -0.0240 0.0436  -0.0406 102 CFH A F5   
182 F F6   . CFH D . ? 0.2122 0.1801 0.1093 -0.0016 -0.0031 -0.0583 102 CFH A F6   
183 C C2   . CFH D . ? 0.1029 0.1138 0.0662 0.0117  0.0291  -0.0142 102 CFH A C2   
184 O O4   . CFH D . ? 0.0836 0.1070 0.0787 0.0057  0.0126  -0.0167 102 CFH A O4   
185 C C3   . CFH D . ? 0.1368 0.0769 0.1094 0.0338  0.0423  -0.0173 102 CFH A C3   
186 F F10  . CFH D . ? 0.1655 0.1041 0.1165 0.0419  0.0378  -0.0403 102 CFH A F10  
187 F F8   . CFH D . ? 0.1879 0.1536 0.1039 0.0273  0.0316  0.0115  102 CFH A F8   
188 F F9   . CFH D . ? 0.1291 0.1489 0.1365 0.0198  0.0180  -0.0196 102 CFH A F9   
189 H H2   . CFH D . ? 0.0943 0.0943 0.0943 0.0000  0.0000  0.0000  102 CFH A H2   
190 F F7   . CFH E . ? 0.1051 0.1369 0.1178 0.0356  -0.0041 -0.0217 101 CFH B F7   
191 C C1   . CFH E . ? 0.1304 0.0915 0.0732 0.0178  -0.0087 -0.0237 101 CFH B C1   
192 F F5   . CFH E . ? 0.1274 0.1239 0.1456 -0.0027 0.0229  -0.0097 101 CFH B F5   
193 F F6   . CFH E . ? 0.1425 0.1251 0.1216 0.0236  0.0041  -0.0626 101 CFH B F6   
194 C C2   . CFH E . ? 0.1083 0.0930 0.0428 0.0219  0.0164  -0.0206 101 CFH B C2   
195 O O4   . CFH E . ? 0.0572 0.1057 0.0619 0.0233  0.0253  -0.0294 101 CFH B O4   
196 C C3   . CFH E . ? 0.1165 0.1086 0.0635 0.0320  0.0133  -0.0223 101 CFH B C3   
197 F F10  . CFH E . ? 0.1653 0.1085 0.1152 0.0349  0.0364  -0.0331 101 CFH B F10  
198 F F8   . CFH E . ? 0.1431 0.1266 0.1054 0.0143  0.0194  0.0173  101 CFH B F8   
199 F F9   . CFH E . ? 0.1162 0.1287 0.1157 0.0240  0.0131  -0.0216 101 CFH B F9   
200 H H2   . CFH E . ? 0.0814 0.0814 0.0814 0.0000  0.0000  0.0000  101 CFH B H2   
201 F F7   . CFH F . ? 0.1122 0.2201 0.2528 0.0218  0.0024  -0.0418 102 CFH B F7   
202 C C1   . CFH F . ? 0.0901 0.2594 0.1200 0.0267  -0.0104 -0.0532 102 CFH B C1   
203 F F5   . CFH F . ? 0.1253 0.3329 0.1335 -0.0126 0.0099  -0.0311 102 CFH B F5   
204 F F6   . CFH F . ? 0.1285 0.2562 0.2073 -0.0451 0.0239  -0.0680 102 CFH B F6   
205 C C2   . CFH F . ? 0.1489 0.1996 0.1187 0.0367  -0.0100 -0.0703 102 CFH B C2   
206 O O4   . CFH F . ? 0.0991 0.2605 0.1697 0.0344  -0.0057 -0.0649 102 CFH B O4   
207 C C3   . CFH F . ? 0.1216 0.1885 0.1920 0.0219  0.0194  -0.0889 102 CFH B C3   
208 F F10  . CFH F . ? 0.1810 0.2413 0.3258 0.0215  -0.0591 0.0658  102 CFH B F10  
209 F F8   . CFH F . ? 0.1149 0.3323 0.2704 0.0590  -0.0646 -0.1097 102 CFH B F8   
210 F F9   . CFH F . ? 0.1450 0.2868 0.2308 0.0089  0.0589  -0.1181 102 CFH B F9   
211 H H2   . CFH F . ? 0.1557 0.1557 0.1557 0.0000  0.0000  0.0000  102 CFH B H2   
212 O O    . HOH G . ? 0.0710 0.0819 0.0783 0.0305  0.0075  0.0055  201 HOH A O    
213 O O    . HOH G . ? 0.1176 0.1637 0.1473 0.0024  -0.0130 -0.0687 202 HOH A O    
214 O O    . HOH H . ? 0.0657 0.1050 0.0819 0.0175  0.0096  0.0067  201 HOH B O    
# 
